data_6EX6
#
_entry.id   6EX6
#
_cell.length_a   136.821
_cell.length_b   136.821
_cell.length_c   135.582
_cell.angle_alpha   90.00
_cell.angle_beta   90.00
_cell.angle_gamma   120.00
#
_symmetry.space_group_name_H-M   'P 65'
#
loop_
_entity.id
_entity.type
_entity.pdbx_description
1 polymer 'Six-hairpin glycosidase'
2 non-polymer 'ZINC ION'
3 water water
#
_entity_poly.entity_id   1
_entity_poly.type   'polypeptide(L)'
_entity_poly.pdbx_seq_one_letter_code
;INHGYPIDPVPFTSVKVTDNFWGQRLQASREVTIPLAFSKCEETGRYENFVKAAHPSDTYKVEGFSFDDTDVYKTIEGAS
YSLQTYPDKKLQKYIDSVLVIVAGAQEPDGYLYTARTMNPKHPHNWAGKERWVAVENLSHEFYNLGHMIEGAVAHYQATG
KRNFLDIAIKYADCVCREIGNGPQQKKYVPGHQIAEMALVKLYMATGDKKYLDQAKFFLDTRGYTSRKDTYSQAHKPVVE
QDEAVGHAVRAVYMYSGMADVAAITGDSSYIKAIDKIWDNIVSKKIYITGGIGAHHAGEAFGNNYELPNLSAYCETCAAI
GNVYMNYRLFLLHGDAKYFDVLERTLYNGLISGVSLDGGSFFYPNPLSSNGKYSRKPWFGCACCPSNVSRFIPSLPGYVY
AVKNDQVYVNLYLSNKAELKVDKKKILLEQETGYPWNGDIRLKITQGNQDFTMKLRIPGWVRGNVLPGDLYSYADNQKPA
YQVSVNGQTVESDVNDGYLSIARKWKKGDVVEVHFDMIPRIVKANPKVEADHGRVAVERGPIVYCAEWPDNRFNVHSILL
NQHPQFKVTDKPELLYGIRQITTDAQALSYDKAGKLVTKDVELTLIPYYAWAHRGEGDMEVWLPIDVSATSAQPQEAGKW
EDNGFFKN
;
_entity_poly.pdbx_strand_id   B,A
#
# COMPACT_ATOMS: atom_id res chain seq x y z
N ILE A 1 33.20 10.45 -6.57
CA ILE A 1 32.29 10.94 -5.45
C ILE A 1 31.06 10.07 -5.39
N ASN A 2 30.84 9.55 -4.20
CA ASN A 2 29.85 8.50 -4.00
C ASN A 2 28.42 9.08 -4.11
N HIS A 3 27.60 8.35 -4.86
CA HIS A 3 26.16 8.62 -5.04
C HIS A 3 25.31 8.46 -3.75
N GLY A 4 25.83 7.73 -2.75
CA GLY A 4 25.10 7.40 -1.47
C GLY A 4 24.05 6.25 -1.44
N TYR A 5 23.61 5.76 -2.57
CA TYR A 5 22.76 4.56 -2.55
C TYR A 5 23.43 3.40 -1.84
N PRO A 6 22.64 2.55 -1.17
CA PRO A 6 23.30 1.41 -0.50
C PRO A 6 23.73 0.29 -1.45
N ILE A 7 23.34 0.35 -2.71
CA ILE A 7 23.83 -0.63 -3.71
C ILE A 7 24.50 0.12 -4.87
N ASP A 8 25.61 -0.41 -5.40
CA ASP A 8 26.31 0.19 -6.55
C ASP A 8 25.83 -0.27 -7.93
N PRO A 9 25.63 0.67 -8.85
CA PRO A 9 25.47 0.27 -10.23
C PRO A 9 26.67 -0.48 -10.77
N VAL A 10 26.42 -1.31 -11.78
CA VAL A 10 27.47 -1.86 -12.63
C VAL A 10 27.29 -1.09 -13.93
N PRO A 11 28.26 -0.21 -14.24
CA PRO A 11 28.11 0.66 -15.41
C PRO A 11 27.99 -0.02 -16.79
N PHE A 12 27.41 0.68 -17.75
CA PHE A 12 27.17 0.09 -19.08
C PHE A 12 28.50 -0.29 -19.81
N THR A 13 29.61 0.36 -19.43
CA THR A 13 30.91 0.12 -19.98
C THR A 13 31.45 -1.21 -19.52
N SER A 14 30.88 -1.76 -18.44
CA SER A 14 31.32 -3.07 -17.90
C SER A 14 30.65 -4.30 -18.54
N VAL A 15 29.66 -4.09 -19.39
CA VAL A 15 28.76 -5.14 -19.84
C VAL A 15 28.72 -5.15 -21.38
N LYS A 16 29.23 -6.23 -22.00
CA LYS A 16 29.22 -6.39 -23.44
C LYS A 16 28.06 -7.32 -23.73
N VAL A 17 27.12 -6.78 -24.48
CA VAL A 17 25.92 -7.51 -24.89
C VAL A 17 26.27 -8.39 -26.09
N THR A 18 25.93 -9.67 -26.00
CA THR A 18 26.27 -10.68 -27.00
C THR A 18 25.01 -11.33 -27.60
N ASP A 19 23.84 -10.88 -27.21
CA ASP A 19 22.60 -11.50 -27.66
C ASP A 19 22.12 -10.97 -29.01
N ASN A 20 20.95 -11.43 -29.38
CA ASN A 20 20.25 -11.02 -30.57
C ASN A 20 19.18 -9.91 -30.34
N PHE A 21 18.35 -10.02 -29.30
CA PHE A 21 17.27 -9.02 -28.99
C PHE A 21 17.79 -7.58 -28.73
N TRP A 22 18.51 -7.40 -27.63
CA TRP A 22 19.05 -6.11 -27.24
C TRP A 22 20.19 -5.67 -28.13
N GLY A 23 21.01 -6.60 -28.53
CA GLY A 23 22.10 -6.38 -29.42
C GLY A 23 21.68 -5.76 -30.71
N GLN A 24 20.56 -6.16 -31.28
CA GLN A 24 20.06 -5.52 -32.47
C GLN A 24 19.53 -4.10 -32.17
N ARG A 25 18.98 -3.88 -30.98
CA ARG A 25 18.48 -2.57 -30.60
C ARG A 25 19.65 -1.63 -30.43
N LEU A 26 20.78 -2.12 -29.94
CA LEU A 26 21.96 -1.33 -29.73
C LEU A 26 22.59 -0.97 -31.03
N GLN A 27 22.68 -1.91 -31.93
CA GLN A 27 23.21 -1.65 -33.24
C GLN A 27 22.34 -0.64 -33.96
N ALA A 28 21.04 -0.84 -33.93
CA ALA A 28 20.12 0.10 -34.54
C ALA A 28 20.26 1.52 -33.97
N SER A 29 20.43 1.64 -32.65
CA SER A 29 20.63 2.97 -32.07
C SER A 29 21.87 3.69 -32.64
N ARG A 30 22.96 2.95 -32.78
CA ARG A 30 24.22 3.54 -33.24
C ARG A 30 24.19 3.86 -34.74
N GLU A 31 23.64 2.95 -35.55
CA GLU A 31 23.75 3.08 -37.01
C GLU A 31 22.65 3.91 -37.57
N VAL A 32 21.48 3.99 -36.91
CA VAL A 32 20.37 4.74 -37.51
C VAL A 32 19.83 5.85 -36.62
N THR A 33 19.53 5.54 -35.35
CA THR A 33 18.82 6.48 -34.50
C THR A 33 19.64 7.74 -34.21
N ILE A 34 20.87 7.58 -33.72
CA ILE A 34 21.70 8.73 -33.41
C ILE A 34 22.03 9.55 -34.66
N PRO A 35 22.44 8.88 -35.77
CA PRO A 35 22.61 9.67 -37.01
C PRO A 35 21.38 10.41 -37.46
N LEU A 36 20.21 9.75 -37.39
CA LEU A 36 18.95 10.42 -37.72
C LEU A 36 18.62 11.61 -36.81
N ALA A 37 18.76 11.45 -35.52
CA ALA A 37 18.45 12.57 -34.65
C ALA A 37 19.38 13.79 -34.91
N PHE A 38 20.68 13.56 -35.07
CA PHE A 38 21.56 14.70 -35.43
C PHE A 38 21.14 15.38 -36.74
N SER A 39 20.78 14.54 -37.71
CA SER A 39 20.35 14.99 -39.02
C SER A 39 19.07 15.80 -38.92
N LYS A 40 18.14 15.36 -38.12
CA LYS A 40 16.93 16.16 -37.81
C LYS A 40 17.20 17.48 -37.01
N CYS A 41 18.19 17.48 -36.13
CA CYS A 41 18.55 18.70 -35.44
C CYS A 41 18.99 19.75 -36.49
N GLU A 42 19.75 19.34 -37.53
CA GLU A 42 20.10 20.26 -38.62
C GLU A 42 18.83 20.67 -39.35
N GLU A 43 18.09 19.67 -39.83
CA GLU A 43 16.92 19.85 -40.72
C GLU A 43 15.75 20.69 -40.11
N THR A 44 15.46 20.56 -38.82
CA THR A 44 14.34 21.27 -38.26
C THR A 44 14.73 22.56 -37.53
N GLY A 45 15.96 23.03 -37.70
CA GLY A 45 16.33 24.32 -37.19
C GLY A 45 16.91 24.34 -35.79
N ARG A 46 17.23 23.20 -35.19
CA ARG A 46 17.73 23.16 -33.80
C ARG A 46 19.11 23.80 -33.73
N TYR A 47 19.95 23.52 -34.71
CA TYR A 47 21.25 24.18 -34.77
C TYR A 47 21.09 25.69 -35.09
N GLU A 48 20.24 26.05 -36.08
CA GLU A 48 19.98 27.45 -36.43
C GLU A 48 19.57 28.28 -35.22
N ASN A 49 18.80 27.73 -34.29
CA ASN A 49 18.48 28.48 -33.07
C ASN A 49 19.76 28.98 -32.32
N PHE A 50 20.78 28.12 -32.19
CA PHE A 50 22.04 28.53 -31.53
C PHE A 50 22.77 29.58 -32.38
N VAL A 51 22.70 29.44 -33.70
CA VAL A 51 23.39 30.37 -34.61
C VAL A 51 22.70 31.72 -34.50
N LYS A 52 21.37 31.70 -34.51
CA LYS A 52 20.62 32.89 -34.28
C LYS A 52 20.88 33.51 -32.91
N ALA A 53 21.00 32.69 -31.88
CA ALA A 53 21.30 33.25 -30.56
C ALA A 53 22.66 33.98 -30.53
N ALA A 54 23.59 33.50 -31.37
CA ALA A 54 24.94 34.13 -31.50
C ALA A 54 24.94 35.52 -32.17
N HIS A 55 23.93 35.78 -32.99
CA HIS A 55 23.71 37.08 -33.66
C HIS A 55 22.30 37.54 -33.41
N PRO A 56 22.00 38.00 -32.17
CA PRO A 56 20.64 38.40 -31.83
C PRO A 56 20.07 39.40 -32.83
N SER A 57 18.76 39.43 -32.97
CA SER A 57 18.12 40.38 -33.87
C SER A 57 16.64 40.53 -33.55
N ASP A 58 16.15 41.78 -33.57
CA ASP A 58 14.73 42.10 -33.42
C ASP A 58 13.85 41.39 -34.44
N THR A 59 14.40 41.05 -35.60
CA THR A 59 13.61 40.53 -36.74
C THR A 59 13.20 39.03 -36.62
N TYR A 60 13.82 38.26 -35.71
CA TYR A 60 13.58 36.79 -35.69
C TYR A 60 12.16 36.46 -35.17
N LYS A 61 11.44 35.59 -35.88
CA LYS A 61 10.21 35.04 -35.31
C LYS A 61 10.72 33.86 -34.45
N VAL A 62 10.47 33.93 -33.14
CA VAL A 62 10.88 32.83 -32.25
C VAL A 62 9.68 31.91 -32.19
N GLU A 63 9.84 30.76 -32.81
CA GLU A 63 8.74 29.78 -32.90
C GLU A 63 9.31 28.46 -32.29
N GLY A 64 8.83 27.30 -32.75
CA GLY A 64 9.10 26.02 -32.09
C GLY A 64 8.67 26.01 -30.62
N PHE A 65 9.38 25.19 -29.86
CA PHE A 65 9.14 25.09 -28.41
C PHE A 65 10.33 25.67 -27.65
N SER A 66 10.06 26.20 -26.46
CA SER A 66 11.15 26.73 -25.63
C SER A 66 12.18 25.68 -25.20
N PHE A 67 11.85 24.38 -25.26
CA PHE A 67 12.74 23.32 -24.84
C PHE A 67 13.47 22.64 -26.02
N ASP A 68 13.28 23.15 -27.24
CA ASP A 68 13.94 22.60 -28.45
C ASP A 68 15.47 22.43 -28.39
N ASP A 69 16.16 23.32 -27.68
CA ASP A 69 17.64 23.16 -27.50
C ASP A 69 18.03 21.79 -26.92
N THR A 70 17.17 21.23 -26.07
CA THR A 70 17.43 19.91 -25.45
C THR A 70 17.49 18.74 -26.39
N ASP A 71 16.85 18.84 -27.57
CA ASP A 71 17.01 17.76 -28.54
C ASP A 71 18.48 17.58 -28.91
N VAL A 72 19.22 18.68 -28.91
CA VAL A 72 20.62 18.62 -29.23
C VAL A 72 21.39 18.02 -28.03
N TYR A 73 21.07 18.50 -26.82
CA TYR A 73 21.75 18.02 -25.61
C TYR A 73 21.55 16.52 -25.41
N LYS A 74 20.33 16.05 -25.65
CA LYS A 74 20.01 14.64 -25.50
C LYS A 74 20.57 13.70 -26.54
N THR A 75 20.66 14.14 -27.80
CA THR A 75 21.31 13.34 -28.82
C THR A 75 22.80 13.26 -28.53
N ILE A 76 23.39 14.35 -28.03
CA ILE A 76 24.81 14.29 -27.66
C ILE A 76 24.95 13.38 -26.49
N GLU A 77 24.00 13.39 -25.57
CA GLU A 77 24.09 12.44 -24.46
C GLU A 77 24.20 10.97 -24.99
N GLY A 78 23.28 10.60 -25.87
CA GLY A 78 23.25 9.26 -26.39
C GLY A 78 24.47 8.88 -27.23
N ALA A 79 24.88 9.77 -28.14
CA ALA A 79 26.13 9.59 -28.87
C ALA A 79 27.29 9.41 -27.93
N SER A 80 27.33 10.19 -26.86
CA SER A 80 28.42 10.13 -25.96
C SER A 80 28.46 8.76 -25.30
N TYR A 81 27.29 8.21 -24.97
CA TYR A 81 27.30 6.84 -24.44
C TYR A 81 27.86 5.89 -25.51
N SER A 82 27.37 6.01 -26.71
CA SER A 82 27.78 5.14 -27.83
C SER A 82 29.31 5.12 -27.93
N LEU A 83 29.93 6.29 -27.84
CA LEU A 83 31.37 6.42 -28.04
C LEU A 83 32.21 5.63 -27.09
N GLN A 84 31.70 5.44 -25.87
CA GLN A 84 32.41 4.63 -24.87
C GLN A 84 32.44 3.13 -25.17
N THR A 85 31.37 2.58 -25.73
CA THR A 85 31.30 1.16 -26.11
C THR A 85 31.83 0.93 -27.57
N TYR A 86 31.72 1.93 -28.47
CA TYR A 86 32.06 1.85 -29.87
C TYR A 86 32.73 3.15 -30.34
N PRO A 87 34.07 3.23 -30.22
CA PRO A 87 34.77 4.47 -30.62
C PRO A 87 34.54 4.86 -32.11
N ASP A 88 34.61 6.16 -32.38
CA ASP A 88 34.20 6.70 -33.67
C ASP A 88 34.70 8.13 -33.73
N LYS A 89 35.92 8.30 -34.25
CA LYS A 89 36.58 9.60 -34.51
C LYS A 89 35.68 10.62 -35.17
N LYS A 90 34.94 10.17 -36.21
CA LYS A 90 34.09 11.04 -37.02
C LYS A 90 32.88 11.55 -36.23
N LEU A 91 32.21 10.66 -35.49
CA LEU A 91 31.10 11.08 -34.64
C LEU A 91 31.64 12.09 -33.60
N GLN A 92 32.81 11.79 -33.06
CA GLN A 92 33.39 12.60 -31.99
C GLN A 92 33.76 13.96 -32.49
N LYS A 93 34.26 14.03 -33.74
CA LYS A 93 34.61 15.31 -34.36
C LYS A 93 33.39 16.01 -34.72
N TYR A 94 32.41 15.33 -35.29
CA TYR A 94 31.07 15.95 -35.51
C TYR A 94 30.54 16.65 -34.21
N ILE A 95 30.73 16.03 -33.05
CA ILE A 95 30.15 16.58 -31.84
C ILE A 95 30.87 17.85 -31.45
N ASP A 96 32.19 17.82 -31.56
CA ASP A 96 32.96 19.07 -31.39
C ASP A 96 32.42 20.24 -32.21
N SER A 97 32.05 20.00 -33.47
CA SER A 97 31.55 21.08 -34.37
C SER A 97 30.23 21.59 -33.93
N VAL A 98 29.37 20.67 -33.50
CA VAL A 98 28.09 21.04 -32.92
C VAL A 98 28.35 21.92 -31.68
N LEU A 99 29.27 21.50 -30.81
CA LEU A 99 29.49 22.26 -29.58
C LEU A 99 30.03 23.66 -29.75
N VAL A 100 30.74 23.92 -30.86
CA VAL A 100 31.17 25.27 -31.19
C VAL A 100 29.93 26.15 -31.41
N ILE A 101 28.96 25.61 -32.14
CA ILE A 101 27.71 26.33 -32.45
C ILE A 101 26.96 26.54 -31.14
N VAL A 102 26.97 25.55 -30.25
CA VAL A 102 26.23 25.66 -28.95
C VAL A 102 26.91 26.70 -28.08
N ALA A 103 28.25 26.63 -28.00
CA ALA A 103 28.99 27.59 -27.15
C ALA A 103 28.77 29.03 -27.59
N GLY A 104 28.63 29.25 -28.91
CA GLY A 104 28.40 30.61 -29.43
C GLY A 104 27.14 31.30 -28.96
N ALA A 105 26.12 30.50 -28.61
CA ALA A 105 24.86 31.03 -28.15
C ALA A 105 24.83 31.43 -26.70
N GLN A 106 25.86 31.07 -25.95
CA GLN A 106 25.84 31.28 -24.48
C GLN A 106 26.22 32.75 -24.16
N GLU A 107 25.42 33.42 -23.34
CA GLU A 107 25.68 34.80 -22.98
C GLU A 107 26.91 34.80 -21.99
N PRO A 108 27.52 35.98 -21.77
CA PRO A 108 28.76 36.02 -20.98
C PRO A 108 28.62 35.48 -19.55
N ASP A 109 27.45 35.66 -18.92
CA ASP A 109 27.21 35.22 -17.53
C ASP A 109 26.74 33.76 -17.43
N GLY A 110 26.58 33.15 -18.59
CA GLY A 110 26.43 31.70 -18.73
C GLY A 110 25.07 31.24 -19.20
N TYR A 111 24.14 32.20 -19.32
CA TYR A 111 22.76 31.90 -19.66
C TYR A 111 22.76 31.34 -21.05
N LEU A 112 22.23 30.12 -21.20
CA LEU A 112 22.18 29.47 -22.49
C LEU A 112 20.78 28.95 -22.73
N TYR A 113 20.08 29.64 -23.63
CA TYR A 113 18.60 29.43 -23.81
C TYR A 113 18.14 30.27 -25.00
N THR A 114 18.17 29.65 -26.15
CA THR A 114 18.12 30.33 -27.41
C THR A 114 16.79 31.02 -27.60
N ALA A 115 15.74 30.55 -26.97
CA ALA A 115 14.41 31.17 -27.12
C ALA A 115 14.27 32.57 -26.58
N ARG A 116 15.22 33.00 -25.77
CA ARG A 116 15.31 34.36 -25.32
C ARG A 116 16.50 35.05 -26.00
N THR A 117 17.65 34.42 -26.03
CA THR A 117 18.85 35.09 -26.49
C THR A 117 18.83 35.59 -27.97
N MET A 118 18.21 34.81 -28.84
CA MET A 118 17.91 35.10 -30.25
C MET A 118 17.30 36.49 -30.46
N ASN A 119 16.37 36.84 -29.56
CA ASN A 119 15.57 38.00 -29.73
C ASN A 119 15.04 38.40 -28.40
N PRO A 120 15.89 39.05 -27.60
CA PRO A 120 15.40 39.34 -26.25
C PRO A 120 14.22 40.30 -26.15
N LYS A 121 13.97 41.09 -27.20
CA LYS A 121 12.89 42.06 -27.19
C LYS A 121 11.61 41.33 -27.53
N HIS A 122 11.73 40.25 -28.28
CA HIS A 122 10.51 39.44 -28.67
C HIS A 122 10.74 37.94 -28.49
N PRO A 123 10.89 37.54 -27.24
CA PRO A 123 11.25 36.16 -26.98
C PRO A 123 10.07 35.25 -27.20
N HIS A 124 10.34 33.95 -27.21
CA HIS A 124 9.33 32.91 -27.29
C HIS A 124 8.22 33.24 -26.35
N ASN A 125 7.01 33.02 -26.76
CA ASN A 125 5.83 33.37 -25.90
C ASN A 125 5.71 32.65 -24.58
N TRP A 126 6.38 31.53 -24.46
CA TRP A 126 6.48 30.84 -23.18
C TRP A 126 7.65 31.27 -22.30
N ALA A 127 8.57 32.07 -22.84
CA ALA A 127 9.76 32.47 -22.11
C ALA A 127 9.56 33.61 -21.10
N GLY A 128 8.46 34.33 -21.24
CA GLY A 128 8.23 35.54 -20.46
C GLY A 128 9.13 36.70 -20.94
N LYS A 129 8.80 37.91 -20.48
CA LYS A 129 9.48 39.16 -20.88
C LYS A 129 10.94 39.20 -20.38
N GLU A 130 11.16 38.66 -19.18
CA GLU A 130 12.47 38.64 -18.51
C GLU A 130 12.86 37.19 -18.12
N ARG A 131 14.14 37.01 -17.86
CA ARG A 131 14.66 35.76 -17.27
C ARG A 131 13.82 35.28 -16.10
N TRP A 132 13.44 34.01 -16.20
CA TRP A 132 13.01 33.21 -15.07
C TRP A 132 11.55 33.38 -14.75
N VAL A 133 10.98 34.48 -15.22
CA VAL A 133 9.71 34.89 -14.73
C VAL A 133 8.62 33.86 -15.12
N ALA A 134 8.83 33.06 -16.17
CA ALA A 134 7.86 32.05 -16.58
C ALA A 134 8.36 30.64 -16.31
N VAL A 135 9.35 30.47 -15.42
CA VAL A 135 9.94 29.16 -15.26
C VAL A 135 8.96 28.13 -14.65
N GLU A 136 8.08 28.52 -13.77
CA GLU A 136 7.16 27.57 -13.12
C GLU A 136 5.92 27.38 -13.97
N ASN A 137 5.83 28.10 -15.07
CA ASN A 137 4.84 27.84 -16.12
C ASN A 137 5.49 26.90 -17.19
N LEU A 138 5.78 27.43 -18.38
CA LEU A 138 6.36 26.63 -19.47
C LEU A 138 7.62 27.19 -20.07
N SER A 139 8.40 28.02 -19.37
CA SER A 139 9.67 28.51 -20.00
C SER A 139 10.64 27.41 -20.30
N HIS A 140 10.60 26.35 -19.49
CA HIS A 140 11.56 25.26 -19.60
C HIS A 140 13.01 25.75 -19.37
N GLU A 141 13.22 26.91 -18.72
CA GLU A 141 14.61 27.32 -18.51
C GLU A 141 15.45 26.30 -17.67
N PHE A 142 14.85 25.67 -16.64
CA PHE A 142 15.58 24.70 -15.79
C PHE A 142 15.58 23.26 -16.33
N TYR A 143 14.57 22.94 -17.11
CA TYR A 143 14.57 21.75 -17.93
C TYR A 143 15.73 21.73 -18.93
N ASN A 144 15.93 22.85 -19.60
CA ASN A 144 17.06 22.97 -20.49
C ASN A 144 18.38 22.78 -19.79
N LEU A 145 18.51 23.34 -18.57
CA LEU A 145 19.75 23.15 -17.80
C LEU A 145 19.97 21.65 -17.52
N GLY A 146 18.87 20.97 -17.18
CA GLY A 146 18.98 19.58 -16.71
C GLY A 146 19.51 18.73 -17.82
N HIS A 147 18.89 18.80 -19.00
CA HIS A 147 19.37 18.03 -20.15
C HIS A 147 20.75 18.44 -20.64
N MET A 148 21.08 19.72 -20.52
CA MET A 148 22.40 20.22 -20.83
C MET A 148 23.45 19.53 -19.94
N ILE A 149 23.17 19.42 -18.64
CA ILE A 149 24.10 18.76 -17.70
C ILE A 149 24.29 17.28 -18.05
N GLU A 150 23.20 16.58 -18.30
CA GLU A 150 23.29 15.16 -18.51
C GLU A 150 24.03 14.87 -19.80
N GLY A 151 23.74 15.64 -20.83
CA GLY A 151 24.51 15.65 -22.04
C GLY A 151 25.97 15.91 -21.86
N ALA A 152 26.29 16.97 -21.14
CA ALA A 152 27.70 17.35 -20.91
C ALA A 152 28.52 16.37 -20.09
N VAL A 153 27.95 15.91 -18.98
CA VAL A 153 28.64 14.91 -18.13
C VAL A 153 28.97 13.65 -18.92
N ALA A 154 27.99 13.18 -19.69
CA ALA A 154 28.23 12.02 -20.54
C ALA A 154 29.37 12.24 -21.55
N HIS A 155 29.41 13.43 -22.16
CA HIS A 155 30.39 13.76 -23.16
C HIS A 155 31.78 13.83 -22.52
N TYR A 156 31.87 14.40 -21.32
CA TYR A 156 33.10 14.44 -20.55
C TYR A 156 33.59 13.03 -20.21
N GLN A 157 32.70 12.16 -19.72
CA GLN A 157 33.06 10.75 -19.45
C GLN A 157 33.48 9.97 -20.67
N ALA A 158 32.89 10.29 -21.83
CA ALA A 158 33.28 9.65 -23.09
C ALA A 158 34.60 10.13 -23.71
N THR A 159 34.88 11.41 -23.60
CA THR A 159 36.00 12.03 -24.35
C THR A 159 37.15 12.54 -23.52
N GLY A 160 36.98 12.66 -22.21
CA GLY A 160 37.97 13.35 -21.33
C GLY A 160 38.09 14.87 -21.62
N LYS A 161 37.14 15.44 -22.36
CA LYS A 161 37.18 16.86 -22.78
C LYS A 161 36.07 17.63 -22.09
N ARG A 162 36.28 18.95 -22.03
CA ARG A 162 35.42 19.86 -21.29
C ARG A 162 34.69 20.85 -22.19
N ASN A 163 34.68 20.62 -23.50
CA ASN A 163 34.03 21.57 -24.44
C ASN A 163 32.51 21.50 -24.30
N PHE A 164 31.96 20.41 -23.73
CA PHE A 164 30.54 20.42 -23.33
C PHE A 164 30.41 20.73 -21.84
N LEU A 165 31.15 20.03 -21.00
CA LEU A 165 31.13 20.25 -19.56
C LEU A 165 31.20 21.71 -19.15
N ASP A 166 32.08 22.50 -19.79
CA ASP A 166 32.23 23.91 -19.38
C ASP A 166 31.01 24.75 -19.68
N ILE A 167 30.28 24.37 -20.72
CA ILE A 167 29.07 25.10 -21.06
C ILE A 167 28.00 24.85 -19.99
N ALA A 168 27.89 23.57 -19.60
CA ALA A 168 26.89 23.20 -18.57
C ALA A 168 27.22 23.88 -17.25
N ILE A 169 28.51 23.85 -16.87
CA ILE A 169 28.96 24.47 -15.61
C ILE A 169 28.52 25.93 -15.61
N LYS A 170 28.69 26.63 -16.72
CA LYS A 170 28.39 28.07 -16.77
C LYS A 170 26.93 28.38 -16.64
N TYR A 171 26.10 27.59 -17.31
CA TYR A 171 24.67 27.78 -17.20
C TYR A 171 24.24 27.38 -15.79
N ALA A 172 24.72 26.26 -15.28
CA ALA A 172 24.50 25.89 -13.91
C ALA A 172 24.87 27.01 -12.88
N ASP A 173 26.03 27.63 -13.05
CA ASP A 173 26.46 28.76 -12.17
C ASP A 173 25.55 30.00 -12.35
N CYS A 174 25.12 30.28 -13.58
CA CYS A 174 24.10 31.30 -13.84
C CYS A 174 22.81 31.10 -12.99
N VAL A 175 22.26 29.87 -13.09
CA VAL A 175 21.08 29.50 -12.25
C VAL A 175 21.37 29.61 -10.76
N CYS A 176 22.50 29.05 -10.31
CA CYS A 176 22.85 29.05 -8.89
C CYS A 176 23.07 30.46 -8.28
N ARG A 177 23.65 31.38 -9.04
CA ARG A 177 23.83 32.73 -8.54
C ARG A 177 22.50 33.53 -8.62
N GLU A 178 21.62 33.24 -9.58
CA GLU A 178 20.34 34.05 -9.66
C GLU A 178 19.14 33.47 -8.92
N ILE A 179 19.11 32.16 -8.72
CA ILE A 179 17.99 31.43 -8.18
C ILE A 179 18.31 30.76 -6.87
N GLY A 180 17.53 31.09 -5.87
CA GLY A 180 17.79 30.60 -4.52
C GLY A 180 17.07 31.41 -3.45
N ASN A 181 17.50 31.17 -2.20
CA ASN A 181 16.83 31.66 -0.99
C ASN A 181 17.44 32.99 -0.60
N GLY A 182 18.62 33.30 -1.14
CA GLY A 182 19.35 34.52 -0.78
C GLY A 182 18.60 35.81 -1.06
N PRO A 183 19.06 36.93 -0.47
CA PRO A 183 18.23 38.14 -0.53
C PRO A 183 18.35 38.94 -1.84
N GLN A 184 19.41 38.76 -2.64
CA GLN A 184 19.45 39.30 -4.02
C GLN A 184 19.03 38.24 -5.09
N GLN A 185 18.51 37.07 -4.66
CA GLN A 185 18.13 35.97 -5.56
C GLN A 185 16.61 35.94 -5.76
N LYS A 186 16.12 35.01 -6.57
CA LYS A 186 14.64 34.83 -6.76
C LYS A 186 14.25 33.43 -6.42
N LYS A 187 13.25 33.22 -5.56
CA LYS A 187 12.75 31.88 -5.23
C LYS A 187 11.96 31.40 -6.48
N TYR A 188 12.50 30.49 -7.28
CA TYR A 188 11.74 29.80 -8.34
C TYR A 188 12.15 28.32 -8.35
N VAL A 189 11.19 27.47 -8.73
CA VAL A 189 11.46 26.03 -8.89
C VAL A 189 11.20 25.61 -10.34
N PRO A 190 11.64 24.40 -10.73
CA PRO A 190 11.41 24.05 -12.15
C PRO A 190 9.93 23.88 -12.50
N GLY A 191 9.51 24.40 -13.64
CA GLY A 191 8.23 24.11 -14.25
C GLY A 191 8.14 22.69 -14.74
N HIS A 192 9.25 22.18 -15.24
CA HIS A 192 9.39 20.79 -15.67
C HIS A 192 10.63 20.25 -15.01
N GLN A 193 10.39 19.37 -14.06
CA GLN A 193 11.46 18.80 -13.24
C GLN A 193 12.46 17.96 -14.13
N ILE A 194 13.70 17.95 -13.67
CA ILE A 194 14.83 17.18 -14.20
C ILE A 194 16.09 17.82 -13.64
N ALA A 195 16.09 19.14 -13.46
CA ALA A 195 17.28 19.82 -12.94
C ALA A 195 17.81 19.24 -11.60
N GLU A 196 16.90 18.70 -10.79
CA GLU A 196 17.23 18.11 -9.53
C GLU A 196 18.15 16.91 -9.72
N MET A 197 17.72 15.90 -10.49
CA MET A 197 18.59 14.75 -10.78
C MET A 197 19.87 15.19 -11.50
N ALA A 198 19.72 16.12 -12.41
CA ALA A 198 20.87 16.53 -13.21
C ALA A 198 21.94 17.26 -12.37
N LEU A 199 21.51 18.12 -11.47
CA LEU A 199 22.44 18.82 -10.58
C LEU A 199 23.14 17.91 -9.57
N VAL A 200 22.52 16.82 -9.16
CA VAL A 200 23.23 15.82 -8.32
C VAL A 200 24.38 15.22 -9.13
N LYS A 201 24.07 14.88 -10.37
CA LYS A 201 25.06 14.37 -11.31
C LYS A 201 26.22 15.36 -11.55
N LEU A 202 25.93 16.64 -11.65
CA LEU A 202 27.00 17.62 -11.87
C LEU A 202 27.87 17.77 -10.64
N TYR A 203 27.25 17.66 -9.47
CA TYR A 203 28.00 17.64 -8.23
C TYR A 203 28.93 16.47 -8.20
N MET A 204 28.43 15.31 -8.57
CA MET A 204 29.25 14.09 -8.60
C MET A 204 30.41 14.18 -9.59
N ALA A 205 30.26 14.88 -10.72
CA ALA A 205 31.35 15.10 -11.68
C ALA A 205 32.39 16.18 -11.33
N THR A 206 32.04 17.12 -10.47
CA THR A 206 32.89 18.32 -10.28
C THR A 206 33.37 18.55 -8.87
N GLY A 207 32.65 17.96 -7.92
CA GLY A 207 32.87 18.20 -6.53
C GLY A 207 32.32 19.47 -5.95
N ASP A 208 31.54 20.21 -6.73
CA ASP A 208 30.98 21.45 -6.30
C ASP A 208 29.59 21.25 -5.62
N LYS A 209 29.58 21.32 -4.27
CA LYS A 209 28.38 21.10 -3.47
C LYS A 209 27.28 22.15 -3.78
N LYS A 210 27.59 23.30 -4.40
CA LYS A 210 26.61 24.34 -4.75
C LYS A 210 25.51 23.65 -5.55
N TYR A 211 25.90 22.68 -6.36
CA TYR A 211 24.95 22.03 -7.28
C TYR A 211 24.03 21.16 -6.52
N LEU A 212 24.57 20.42 -5.57
CA LEU A 212 23.69 19.62 -4.70
C LEU A 212 22.73 20.48 -3.87
N ASP A 213 23.26 21.60 -3.31
CA ASP A 213 22.37 22.50 -2.57
C ASP A 213 21.30 23.09 -3.49
N GLN A 214 21.62 23.33 -4.77
CA GLN A 214 20.58 23.85 -5.70
C GLN A 214 19.51 22.81 -5.97
N ALA A 215 19.93 21.55 -6.11
CA ALA A 215 18.95 20.46 -6.34
C ALA A 215 18.01 20.35 -5.15
N LYS A 216 18.58 20.38 -3.97
CA LYS A 216 17.81 20.26 -2.75
C LYS A 216 16.86 21.48 -2.57
N PHE A 217 17.31 22.65 -2.96
CA PHE A 217 16.52 23.85 -2.93
C PHE A 217 15.32 23.69 -3.85
N PHE A 218 15.53 23.21 -5.05
CA PHE A 218 14.48 23.00 -6.01
C PHE A 218 13.38 22.10 -5.43
N LEU A 219 13.76 20.98 -4.89
CA LEU A 219 12.85 20.04 -4.28
C LEU A 219 12.12 20.51 -3.02
N ASP A 220 12.85 21.13 -2.11
CA ASP A 220 12.34 21.57 -0.84
C ASP A 220 11.43 22.76 -0.92
N THR A 221 11.62 23.57 -1.94
CA THR A 221 10.82 24.74 -2.17
C THR A 221 9.54 24.42 -2.94
N ARG A 222 9.48 23.32 -3.69
CA ARG A 222 8.29 22.95 -4.45
C ARG A 222 7.09 22.83 -3.55
N GLY A 223 6.00 23.43 -3.97
CA GLY A 223 4.81 23.38 -3.20
C GLY A 223 4.63 24.53 -2.26
N TYR A 224 5.61 25.40 -2.17
CA TYR A 224 5.54 26.56 -1.32
C TYR A 224 5.58 27.83 -2.14
N THR A 225 5.38 27.73 -3.43
CA THR A 225 5.39 28.90 -4.28
C THR A 225 3.98 29.24 -4.74
N SER A 226 3.83 30.27 -5.54
CA SER A 226 2.50 30.64 -5.98
C SER A 226 1.82 29.66 -6.94
N ARG A 227 2.61 28.93 -7.69
CA ARG A 227 2.07 27.96 -8.59
C ARG A 227 1.91 26.60 -7.91
N LYS A 228 0.73 26.30 -7.41
CA LYS A 228 0.49 25.05 -6.76
C LYS A 228 -0.33 24.11 -7.65
N ASP A 229 0.18 23.86 -8.83
CA ASP A 229 -0.50 23.07 -9.81
C ASP A 229 -0.18 21.57 -9.82
N THR A 230 -1.23 20.79 -9.98
CA THR A 230 -1.19 19.35 -10.09
C THR A 230 -0.42 18.90 -11.31
N TYR A 231 -0.53 19.63 -12.40
CA TYR A 231 0.17 19.37 -13.63
C TYR A 231 1.67 19.14 -13.43
N SER A 232 2.33 19.96 -12.62
CA SER A 232 3.74 19.84 -12.33
C SER A 232 4.09 19.40 -10.90
N GLN A 233 3.19 18.69 -10.29
CA GLN A 233 3.37 18.16 -8.96
C GLN A 233 3.84 19.16 -7.93
N ALA A 234 3.27 20.33 -7.93
CA ALA A 234 3.60 21.37 -7.03
C ALA A 234 2.40 21.73 -6.17
N HIS A 235 1.44 20.85 -6.11
CA HIS A 235 0.23 20.99 -5.32
C HIS A 235 0.51 20.85 -3.81
N LYS A 236 1.58 20.18 -3.45
CA LYS A 236 1.99 20.02 -2.07
C LYS A 236 3.49 19.92 -2.03
N PRO A 237 4.06 20.05 -0.83
CA PRO A 237 5.48 19.78 -0.62
C PRO A 237 5.73 18.34 -1.03
N VAL A 238 6.84 18.13 -1.68
CA VAL A 238 7.09 16.83 -2.31
C VAL A 238 7.09 15.70 -1.24
N VAL A 239 7.53 15.99 0.00
CA VAL A 239 7.57 14.98 1.04
C VAL A 239 6.21 14.57 1.50
N GLU A 240 5.17 15.39 1.23
CA GLU A 240 3.81 15.04 1.56
C GLU A 240 3.05 14.45 0.43
N GLN A 241 3.64 14.34 -0.77
CA GLN A 241 2.92 13.70 -1.89
C GLN A 241 2.85 12.19 -1.70
N ASP A 242 1.71 11.61 -2.01
CA ASP A 242 1.49 10.18 -1.89
C ASP A 242 0.83 9.50 -3.08
N GLU A 243 0.44 10.26 -4.09
CA GLU A 243 -0.14 9.69 -5.29
C GLU A 243 0.54 10.35 -6.48
N ALA A 244 0.69 9.58 -7.54
CA ALA A 244 1.23 10.08 -8.79
C ALA A 244 0.09 10.86 -9.45
N VAL A 245 0.32 12.14 -9.67
CA VAL A 245 -0.67 12.99 -10.34
C VAL A 245 0.05 13.79 -11.40
N GLY A 246 -0.73 14.31 -12.34
CA GLY A 246 -0.25 15.27 -13.31
C GLY A 246 0.59 14.66 -14.39
N HIS A 247 1.36 15.52 -15.05
CA HIS A 247 2.16 15.13 -16.21
C HIS A 247 3.14 14.04 -15.87
N ALA A 248 2.96 12.92 -16.56
CA ALA A 248 3.65 11.70 -16.23
C ALA A 248 5.16 11.80 -16.27
N VAL A 249 5.73 12.50 -17.25
CA VAL A 249 7.18 12.64 -17.32
C VAL A 249 7.73 13.55 -16.23
N ARG A 250 7.04 14.66 -16.04
CA ARG A 250 7.40 15.55 -14.96
C ARG A 250 7.50 14.83 -13.63
N ALA A 251 6.46 14.05 -13.35
CA ALA A 251 6.36 13.20 -12.17
C ALA A 251 7.53 12.25 -11.94
N VAL A 252 7.86 11.40 -12.89
CA VAL A 252 8.85 10.37 -12.65
C VAL A 252 10.24 10.95 -12.68
N TYR A 253 10.43 12.03 -13.45
CA TYR A 253 11.70 12.78 -13.36
C TYR A 253 11.88 13.41 -11.96
N MET A 254 10.83 14.01 -11.40
CA MET A 254 10.93 14.47 -10.03
C MET A 254 11.13 13.33 -9.02
N TYR A 255 10.46 12.20 -9.18
CA TYR A 255 10.64 11.15 -8.20
C TYR A 255 12.05 10.63 -8.26
N SER A 256 12.66 10.63 -9.45
CA SER A 256 14.06 10.21 -9.61
C SER A 256 15.02 11.17 -8.95
N GLY A 257 14.81 12.47 -9.11
CA GLY A 257 15.57 13.45 -8.35
C GLY A 257 15.45 13.36 -6.83
N MET A 258 14.25 13.14 -6.38
CA MET A 258 13.96 12.92 -4.97
C MET A 258 14.82 11.73 -4.48
N ALA A 259 14.89 10.65 -5.25
CA ALA A 259 15.72 9.51 -4.88
C ALA A 259 17.23 9.82 -4.84
N ASP A 260 17.73 10.58 -5.82
CA ASP A 260 19.15 10.90 -5.86
C ASP A 260 19.56 11.81 -4.71
N VAL A 261 18.74 12.82 -4.43
CA VAL A 261 19.00 13.75 -3.35
C VAL A 261 18.94 13.00 -2.01
N ALA A 262 17.96 12.11 -1.85
CA ALA A 262 17.82 11.32 -0.63
C ALA A 262 19.04 10.48 -0.38
N ALA A 263 19.51 9.81 -1.43
CA ALA A 263 20.63 8.89 -1.26
C ALA A 263 21.85 9.67 -0.88
N ILE A 264 22.12 10.75 -1.60
CA ILE A 264 23.39 11.40 -1.43
C ILE A 264 23.48 12.23 -0.16
N THR A 265 22.36 12.73 0.37
CA THR A 265 22.31 13.40 1.69
C THR A 265 21.80 12.49 2.84
N GLY A 266 21.57 11.19 2.64
CA GLY A 266 21.13 10.28 3.72
C GLY A 266 19.80 10.71 4.36
N ASP A 267 18.86 11.19 3.54
CA ASP A 267 17.64 11.79 4.04
C ASP A 267 16.46 10.98 3.55
N SER A 268 15.81 10.30 4.49
CA SER A 268 14.78 9.33 4.18
C SER A 268 13.39 9.96 3.95
N SER A 269 13.26 11.24 4.19
CA SER A 269 11.93 11.85 4.06
C SER A 269 11.39 11.78 2.59
N TYR A 270 12.27 11.96 1.61
CA TYR A 270 11.88 11.94 0.21
C TYR A 270 11.50 10.50 -0.17
N ILE A 271 12.27 9.56 0.37
CA ILE A 271 12.02 8.14 0.16
C ILE A 271 10.65 7.67 0.70
N LYS A 272 10.23 8.14 1.87
CA LYS A 272 8.92 7.70 2.41
C LYS A 272 7.80 8.19 1.46
N ALA A 273 7.99 9.34 0.80
CA ALA A 273 7.02 9.86 -0.18
C ALA A 273 7.05 9.04 -1.47
N ILE A 274 8.22 8.81 -2.07
CA ILE A 274 8.21 8.08 -3.34
C ILE A 274 7.82 6.59 -3.19
N ASP A 275 8.11 5.99 -2.04
CA ASP A 275 7.58 4.66 -1.76
C ASP A 275 6.06 4.65 -1.86
N LYS A 276 5.38 5.63 -1.30
CA LYS A 276 3.91 5.64 -1.40
C LYS A 276 3.49 5.95 -2.83
N ILE A 277 4.20 6.87 -3.48
CA ILE A 277 3.81 7.20 -4.84
C ILE A 277 3.98 6.00 -5.76
N TRP A 278 5.10 5.31 -5.64
CA TRP A 278 5.31 4.07 -6.37
C TRP A 278 4.18 3.06 -6.19
N ASP A 279 3.81 2.80 -4.94
N ASP A 279 3.83 2.82 -4.93
CA ASP A 279 2.67 1.89 -4.63
CA ASP A 279 2.69 1.94 -4.56
C ASP A 279 1.43 2.36 -5.36
C ASP A 279 1.44 2.36 -5.33
N ASN A 280 1.19 3.67 -5.39
CA ASN A 280 0.00 4.18 -6.11
C ASN A 280 0.14 3.92 -7.62
N ILE A 281 1.30 4.20 -8.20
CA ILE A 281 1.47 3.93 -9.58
C ILE A 281 1.22 2.43 -9.90
N VAL A 282 1.79 1.52 -9.11
CA VAL A 282 1.82 0.15 -9.51
C VAL A 282 0.52 -0.60 -9.21
N SER A 283 -0.14 -0.23 -8.13
CA SER A 283 -1.40 -0.83 -7.77
C SER A 283 -2.58 -0.16 -8.44
N LYS A 284 -2.38 1.05 -8.94
CA LYS A 284 -3.52 1.79 -9.49
C LYS A 284 -3.44 2.51 -10.87
N LYS A 285 -2.25 2.76 -11.42
CA LYS A 285 -2.14 3.68 -12.56
C LYS A 285 -1.12 3.25 -13.57
N ILE A 286 -0.92 1.95 -13.73
CA ILE A 286 0.08 1.46 -14.68
C ILE A 286 -0.59 0.53 -15.67
N TYR A 287 -0.27 0.70 -16.94
CA TYR A 287 -0.83 -0.13 -17.96
C TYR A 287 -0.07 -1.45 -17.96
N ILE A 288 -0.72 -2.49 -18.51
CA ILE A 288 -0.14 -3.82 -18.63
C ILE A 288 1.11 -3.83 -19.52
N THR A 289 1.25 -2.88 -20.43
CA THR A 289 2.52 -2.70 -21.11
C THR A 289 3.62 -2.05 -20.26
N GLY A 290 3.33 -1.70 -19.01
CA GLY A 290 4.23 -0.89 -18.20
C GLY A 290 4.29 0.61 -18.55
N GLY A 291 3.40 1.08 -19.45
CA GLY A 291 3.32 2.50 -19.74
C GLY A 291 2.59 3.28 -18.66
N ILE A 292 2.90 4.55 -18.54
CA ILE A 292 2.22 5.45 -17.58
C ILE A 292 1.75 6.75 -18.26
N GLY A 293 0.62 7.25 -17.84
CA GLY A 293 0.01 8.39 -18.47
C GLY A 293 -1.23 7.95 -19.19
N ALA A 294 -2.39 8.30 -18.65
CA ALA A 294 -3.64 7.87 -19.21
C ALA A 294 -4.34 8.87 -20.13
N HIS A 295 -4.05 10.17 -20.01
CA HIS A 295 -4.81 11.22 -20.74
C HIS A 295 -3.99 12.10 -21.61
N HIS A 296 -4.48 12.29 -22.84
CA HIS A 296 -3.92 13.32 -23.76
C HIS A 296 -3.87 14.72 -23.08
N ALA A 297 -4.94 15.06 -22.38
CA ALA A 297 -5.07 16.34 -21.67
C ALA A 297 -4.10 16.32 -20.51
N GLY A 298 -3.03 17.10 -20.63
CA GLY A 298 -1.97 17.15 -19.63
C GLY A 298 -0.92 16.09 -19.78
N GLU A 299 -1.02 15.22 -20.79
CA GLU A 299 -0.12 14.10 -20.91
C GLU A 299 0.11 13.37 -19.57
N ALA A 300 -0.98 13.03 -18.91
CA ALA A 300 -1.06 12.95 -17.45
C ALA A 300 -1.58 11.61 -16.94
N PHE A 301 -1.20 11.34 -15.71
CA PHE A 301 -1.87 10.31 -14.92
C PHE A 301 -3.34 10.64 -14.80
N GLY A 302 -4.14 9.60 -14.92
CA GLY A 302 -5.56 9.66 -14.54
C GLY A 302 -5.86 9.41 -13.07
N ASN A 303 -7.16 9.29 -12.79
CA ASN A 303 -7.63 8.75 -11.49
C ASN A 303 -7.17 7.29 -11.27
N ASN A 304 -7.15 6.88 -10.02
CA ASN A 304 -7.02 5.48 -9.67
C ASN A 304 -7.86 4.58 -10.59
N TYR A 305 -7.21 3.55 -11.15
CA TYR A 305 -7.87 2.52 -11.94
C TYR A 305 -8.37 2.95 -13.31
N GLU A 306 -8.05 4.17 -13.69
CA GLU A 306 -8.52 4.75 -14.95
C GLU A 306 -7.53 4.47 -16.05
N LEU A 307 -7.77 3.40 -16.81
CA LEU A 307 -6.81 2.91 -17.79
C LEU A 307 -7.36 2.61 -19.19
N PRO A 308 -7.94 3.65 -19.85
CA PRO A 308 -8.52 3.45 -21.19
C PRO A 308 -7.41 3.09 -22.22
N ASN A 309 -7.78 2.36 -23.26
CA ASN A 309 -6.83 1.65 -24.08
C ASN A 309 -6.48 2.41 -25.34
N LEU A 310 -7.48 2.82 -26.09
CA LEU A 310 -7.31 3.61 -27.31
C LEU A 310 -6.73 5.02 -27.07
N SER A 311 -7.20 5.66 -26.04
CA SER A 311 -6.82 7.02 -25.64
C SER A 311 -5.71 7.03 -24.56
N ALA A 312 -5.14 5.86 -24.24
CA ALA A 312 -3.94 5.78 -23.40
C ALA A 312 -2.85 6.65 -23.98
N TYR A 313 -2.17 7.39 -23.12
CA TYR A 313 -1.06 8.27 -23.55
C TYR A 313 0.24 7.52 -23.58
N CYS A 314 0.73 7.15 -22.42
CA CYS A 314 1.93 6.37 -22.33
C CYS A 314 3.08 6.88 -23.20
N GLU A 315 3.48 8.16 -23.03
CA GLU A 315 4.59 8.74 -23.81
C GLU A 315 5.78 7.89 -23.63
N THR A 316 6.52 7.64 -24.69
CA THR A 316 7.76 6.91 -24.58
C THR A 316 8.69 7.55 -23.55
N CYS A 317 8.84 8.88 -23.53
CA CYS A 317 9.59 9.57 -22.49
C CYS A 317 9.16 9.13 -21.06
N ALA A 318 7.86 8.98 -20.81
CA ALA A 318 7.38 8.52 -19.53
C ALA A 318 7.77 7.09 -19.20
N ALA A 319 7.81 6.22 -20.18
CA ALA A 319 8.26 4.85 -19.99
C ALA A 319 9.73 4.86 -19.58
N ILE A 320 10.52 5.70 -20.22
CA ILE A 320 11.92 5.86 -19.91
C ILE A 320 12.11 6.42 -18.51
N GLY A 321 11.32 7.41 -18.15
CA GLY A 321 11.37 7.94 -16.82
C GLY A 321 10.94 6.92 -15.78
N ASN A 322 10.02 6.05 -16.14
CA ASN A 322 9.54 5.02 -15.24
C ASN A 322 10.64 4.01 -14.95
N VAL A 323 11.47 3.77 -15.97
CA VAL A 323 12.64 2.94 -15.80
C VAL A 323 13.64 3.65 -14.87
N TYR A 324 13.89 4.94 -15.09
CA TYR A 324 14.77 5.69 -14.19
C TYR A 324 14.33 5.59 -12.71
N MET A 325 13.03 5.70 -12.45
CA MET A 325 12.46 5.67 -11.12
C MET A 325 12.62 4.33 -10.46
N ASN A 326 12.14 3.29 -11.13
CA ASN A 326 12.30 1.93 -10.59
C ASN A 326 13.73 1.43 -10.41
N TYR A 327 14.66 1.86 -11.26
CA TYR A 327 16.05 1.51 -11.08
C TYR A 327 16.57 2.10 -9.77
N ARG A 328 16.21 3.34 -9.50
CA ARG A 328 16.61 4.01 -8.29
C ARG A 328 15.98 3.41 -7.05
N LEU A 329 14.74 2.95 -7.17
CA LEU A 329 14.09 2.30 -6.06
C LEU A 329 14.77 0.98 -5.79
N PHE A 330 15.20 0.28 -6.84
CA PHE A 330 15.97 -0.90 -6.66
C PHE A 330 17.25 -0.57 -5.90
N LEU A 331 17.97 0.47 -6.29
CA LEU A 331 19.18 0.79 -5.63
C LEU A 331 18.98 1.14 -4.19
N LEU A 332 17.85 1.73 -3.84
CA LEU A 332 17.54 1.99 -2.42
C LEU A 332 17.14 0.77 -1.58
N HIS A 333 16.42 -0.18 -2.16
CA HIS A 333 15.66 -1.17 -1.40
C HIS A 333 16.18 -2.61 -1.60
N GLY A 334 16.74 -2.94 -2.76
CA GLY A 334 17.31 -4.25 -2.98
C GLY A 334 16.24 -5.32 -3.10
N ASP A 335 15.07 -4.94 -3.60
CA ASP A 335 13.97 -5.83 -3.86
C ASP A 335 13.72 -5.93 -5.37
N ALA A 336 13.65 -7.16 -5.87
CA ALA A 336 13.42 -7.42 -7.30
C ALA A 336 12.09 -6.91 -7.84
N LYS A 337 11.16 -6.54 -6.97
CA LYS A 337 9.85 -6.11 -7.46
C LYS A 337 9.98 -4.82 -8.29
N TYR A 338 10.94 -3.99 -7.95
CA TYR A 338 11.30 -2.80 -8.72
C TYR A 338 11.80 -3.14 -10.12
N PHE A 339 12.61 -4.20 -10.25
CA PHE A 339 12.96 -4.73 -11.58
C PHE A 339 11.90 -5.50 -12.31
N ASP A 340 10.89 -6.07 -11.65
CA ASP A 340 9.72 -6.60 -12.39
C ASP A 340 8.94 -5.49 -13.14
N VAL A 341 8.70 -4.39 -12.43
CA VAL A 341 8.02 -3.23 -13.02
C VAL A 341 8.87 -2.64 -14.17
N LEU A 342 10.16 -2.48 -13.92
CA LEU A 342 11.11 -1.96 -14.93
C LEU A 342 11.20 -2.87 -16.13
N GLU A 343 11.29 -4.18 -15.90
CA GLU A 343 11.31 -5.16 -17.02
C GLU A 343 10.05 -5.08 -17.89
N ARG A 344 8.91 -4.99 -17.23
CA ARG A 344 7.63 -4.86 -17.97
C ARG A 344 7.64 -3.64 -18.89
N THR A 345 8.09 -2.51 -18.33
CA THR A 345 8.09 -1.24 -19.10
C THR A 345 9.13 -1.36 -20.24
N LEU A 346 10.32 -1.81 -19.88
CA LEU A 346 11.44 -1.89 -20.79
C LEU A 346 11.11 -2.73 -22.00
N TYR A 347 10.62 -3.95 -21.76
CA TYR A 347 10.34 -4.82 -22.90
C TYR A 347 9.03 -4.53 -23.67
N ASN A 348 8.18 -3.59 -23.21
CA ASN A 348 6.87 -3.40 -23.81
C ASN A 348 6.65 -1.92 -24.23
N GLY A 349 6.16 -1.07 -23.32
CA GLY A 349 5.85 0.29 -23.59
C GLY A 349 7.04 1.22 -23.78
N LEU A 350 8.25 0.79 -23.42
CA LEU A 350 9.41 1.60 -23.79
C LEU A 350 9.83 1.28 -25.25
N ILE A 351 10.20 0.04 -25.52
CA ILE A 351 10.66 -0.27 -26.89
C ILE A 351 9.61 -0.22 -27.98
N SER A 352 8.32 -0.29 -27.61
CA SER A 352 7.24 -0.01 -28.55
C SER A 352 7.46 1.31 -29.22
N GLY A 353 8.09 2.25 -28.49
CA GLY A 353 8.31 3.61 -28.98
C GLY A 353 9.39 3.83 -30.01
N VAL A 354 10.22 2.82 -30.26
CA VAL A 354 11.17 2.89 -31.37
C VAL A 354 11.07 1.69 -32.28
N SER A 355 10.99 1.98 -33.58
CA SER A 355 10.99 0.88 -34.54
C SER A 355 12.26 0.04 -34.42
N LEU A 356 12.12 -1.16 -34.94
CA LEU A 356 13.14 -2.14 -34.86
C LEU A 356 14.35 -1.65 -35.65
N ASP A 357 14.15 -0.90 -36.74
CA ASP A 357 15.32 -0.41 -37.54
C ASP A 357 15.99 0.85 -36.96
N GLY A 358 15.30 1.50 -36.04
CA GLY A 358 15.80 2.60 -35.25
C GLY A 358 15.43 3.93 -35.88
N GLY A 359 14.68 3.90 -36.98
CA GLY A 359 14.42 5.13 -37.76
C GLY A 359 13.09 5.85 -37.57
N SER A 360 12.25 5.36 -36.66
CA SER A 360 10.95 6.02 -36.44
C SER A 360 10.51 5.71 -35.02
N PHE A 361 9.67 6.58 -34.51
CA PHE A 361 9.27 6.57 -33.13
C PHE A 361 7.84 6.91 -32.87
N PHE A 362 7.40 6.58 -31.68
CA PHE A 362 6.10 6.97 -31.22
C PHE A 362 6.26 8.00 -30.10
N TYR A 363 5.29 8.90 -30.03
CA TYR A 363 5.17 9.87 -28.97
C TYR A 363 4.20 9.11 -28.04
N PRO A 364 2.87 9.15 -28.26
CA PRO A 364 2.05 8.26 -27.44
C PRO A 364 2.08 6.75 -27.84
N ASN A 365 1.87 5.85 -26.89
CA ASN A 365 1.87 4.39 -27.08
C ASN A 365 0.59 3.76 -26.55
N PRO A 366 -0.46 3.77 -27.35
CA PRO A 366 -1.76 3.31 -26.98
C PRO A 366 -1.84 1.80 -27.01
N LEU A 367 -2.85 1.28 -26.31
CA LEU A 367 -3.08 -0.16 -26.20
C LEU A 367 -4.15 -0.63 -27.22
N SER A 368 -4.54 0.26 -28.13
CA SER A 368 -5.46 -0.13 -29.18
C SER A 368 -5.26 0.80 -30.30
N SER A 369 -5.60 0.36 -31.52
CA SER A 369 -5.62 1.24 -32.70
C SER A 369 -6.84 0.89 -33.53
N ASN A 370 -7.49 1.92 -34.07
CA ASN A 370 -8.44 1.84 -35.17
C ASN A 370 -7.85 2.23 -36.53
N GLY A 371 -6.54 2.15 -36.68
CA GLY A 371 -5.87 2.65 -37.85
C GLY A 371 -5.35 4.07 -37.73
N LYS A 372 -4.68 4.51 -38.80
CA LYS A 372 -4.12 5.85 -38.98
C LYS A 372 -3.04 6.25 -37.98
N TYR A 373 -2.27 5.29 -37.47
CA TYR A 373 -1.26 5.56 -36.44
C TYR A 373 -0.05 4.70 -36.69
N SER A 374 1.05 5.30 -37.09
CA SER A 374 2.35 4.62 -37.24
C SER A 374 3.45 5.53 -36.72
N ARG A 375 4.65 4.98 -36.62
CA ARG A 375 5.76 5.70 -36.07
C ARG A 375 6.22 6.80 -37.03
N LYS A 376 6.85 7.85 -36.52
CA LYS A 376 7.38 8.87 -37.40
C LYS A 376 8.85 9.08 -37.16
N PRO A 377 9.59 9.59 -38.15
CA PRO A 377 11.01 9.86 -37.96
C PRO A 377 11.29 10.99 -37.02
N TRP A 378 10.33 11.90 -36.80
CA TRP A 378 10.52 13.06 -35.95
C TRP A 378 9.19 13.75 -35.70
N PHE A 379 9.19 14.76 -34.86
CA PHE A 379 7.96 15.47 -34.56
C PHE A 379 8.31 16.91 -34.30
N GLY A 380 7.31 17.82 -34.35
CA GLY A 380 7.53 19.19 -33.91
C GLY A 380 8.12 19.19 -32.49
N CYS A 381 7.50 18.40 -31.59
CA CYS A 381 8.06 18.20 -30.24
C CYS A 381 8.75 16.85 -30.26
N ALA A 382 10.08 16.88 -30.36
CA ALA A 382 10.93 15.68 -30.55
C ALA A 382 11.50 15.03 -29.27
N CYS A 383 10.81 15.24 -28.14
CA CYS A 383 11.18 14.73 -26.79
C CYS A 383 11.40 13.21 -26.71
N CYS A 384 10.54 12.44 -27.36
CA CYS A 384 10.67 10.98 -27.44
C CYS A 384 11.81 10.44 -28.29
N PRO A 385 11.96 10.90 -29.56
CA PRO A 385 13.12 10.47 -30.33
C PRO A 385 14.42 10.83 -29.62
N SER A 386 14.58 12.07 -29.16
CA SER A 386 15.85 12.40 -28.48
C SER A 386 16.01 11.63 -27.19
N ASN A 387 14.92 11.26 -26.52
CA ASN A 387 15.05 10.49 -25.27
C ASN A 387 15.49 9.06 -25.60
N VAL A 388 14.91 8.50 -26.66
CA VAL A 388 15.28 7.16 -27.15
C VAL A 388 16.75 7.09 -27.50
N SER A 389 17.22 8.14 -28.17
CA SER A 389 18.61 8.34 -28.55
C SER A 389 19.53 8.19 -27.37
N ARG A 390 19.18 8.83 -26.29
CA ARG A 390 19.92 8.80 -25.04
C ARG A 390 19.75 7.53 -24.21
N PHE A 391 18.59 6.88 -24.27
CA PHE A 391 18.37 5.71 -23.45
C PHE A 391 18.98 4.39 -23.90
N ILE A 392 18.69 4.01 -25.12
CA ILE A 392 19.11 2.75 -25.65
C ILE A 392 20.56 2.39 -25.43
N PRO A 393 21.48 3.29 -25.70
CA PRO A 393 22.88 2.84 -25.55
C PRO A 393 23.30 2.61 -24.11
N SER A 394 22.61 3.21 -23.15
CA SER A 394 22.86 2.98 -21.73
C SER A 394 22.33 1.63 -21.17
N LEU A 395 21.52 0.90 -21.93
CA LEU A 395 20.84 -0.35 -21.51
C LEU A 395 21.69 -1.39 -20.77
N PRO A 396 22.92 -1.66 -21.24
CA PRO A 396 23.77 -2.60 -20.48
C PRO A 396 24.06 -2.23 -19.00
N GLY A 397 23.91 -0.93 -18.67
CA GLY A 397 24.01 -0.46 -17.30
C GLY A 397 22.97 -0.88 -16.30
N TYR A 398 21.93 -1.55 -16.78
CA TYR A 398 20.78 -1.95 -15.97
C TYR A 398 20.81 -3.41 -15.55
N VAL A 399 21.77 -4.19 -16.04
CA VAL A 399 21.69 -5.63 -15.95
C VAL A 399 22.07 -6.12 -14.55
N TYR A 400 23.14 -5.55 -14.00
CA TYR A 400 23.70 -6.05 -12.74
C TYR A 400 23.77 -4.93 -11.71
N ALA A 401 24.08 -5.34 -10.50
CA ALA A 401 24.41 -4.38 -9.50
C ALA A 401 25.23 -5.13 -8.44
N VAL A 402 25.92 -4.41 -7.59
CA VAL A 402 26.79 -4.99 -6.59
C VAL A 402 26.71 -4.20 -5.29
N LYS A 403 26.52 -4.87 -4.15
CA LYS A 403 26.79 -4.27 -2.80
C LYS A 403 27.71 -5.21 -2.05
N ASN A 404 28.97 -4.81 -1.90
CA ASN A 404 29.93 -5.58 -1.10
C ASN A 404 30.08 -7.02 -1.64
N ASP A 405 29.67 -8.03 -0.85
CA ASP A 405 29.73 -9.46 -1.15
C ASP A 405 28.47 -9.88 -1.97
N GLN A 406 27.58 -8.94 -2.31
CA GLN A 406 26.25 -9.27 -2.94
C GLN A 406 26.20 -8.82 -4.40
N VAL A 407 26.05 -9.77 -5.33
CA VAL A 407 25.96 -9.50 -6.75
C VAL A 407 24.53 -9.78 -7.19
N TYR A 408 23.86 -8.74 -7.65
CA TYR A 408 22.50 -8.84 -8.16
C TYR A 408 22.49 -9.06 -9.68
N VAL A 409 21.75 -10.06 -10.13
CA VAL A 409 21.48 -10.28 -11.54
C VAL A 409 20.03 -9.93 -11.83
N ASN A 410 19.80 -8.81 -12.49
CA ASN A 410 18.48 -8.21 -12.58
C ASN A 410 17.78 -8.38 -13.93
N LEU A 411 18.57 -8.42 -14.98
CA LEU A 411 18.02 -8.71 -16.29
C LEU A 411 18.71 -9.94 -16.93
N TYR A 412 17.95 -10.63 -17.78
CA TYR A 412 18.48 -11.84 -18.42
C TYR A 412 18.58 -11.60 -19.94
N LEU A 413 19.80 -11.70 -20.42
CA LEU A 413 20.22 -11.54 -21.81
C LEU A 413 21.66 -11.97 -21.95
N SER A 414 22.02 -12.47 -23.10
CA SER A 414 23.38 -12.92 -23.33
C SER A 414 24.36 -11.74 -23.28
N ASN A 415 25.41 -11.88 -22.49
CA ASN A 415 26.33 -10.80 -22.25
C ASN A 415 27.56 -11.35 -21.56
N LYS A 416 28.67 -10.63 -21.64
CA LYS A 416 29.85 -10.89 -20.82
C LYS A 416 30.10 -9.64 -20.03
N ALA A 417 30.33 -9.78 -18.73
CA ALA A 417 30.48 -8.66 -17.85
C ALA A 417 31.70 -8.78 -16.98
N GLU A 418 32.29 -7.63 -16.68
CA GLU A 418 33.34 -7.49 -15.64
C GLU A 418 32.73 -6.85 -14.42
N LEU A 419 32.79 -7.53 -13.28
CA LEU A 419 32.24 -7.04 -12.00
C LEU A 419 33.38 -6.80 -10.99
N LYS A 420 33.23 -5.79 -10.13
CA LYS A 420 34.17 -5.52 -9.04
C LYS A 420 33.43 -5.98 -7.80
N VAL A 421 33.93 -7.05 -7.20
CA VAL A 421 33.30 -7.69 -6.05
C VAL A 421 34.33 -7.73 -4.89
N ASP A 422 34.04 -6.96 -3.84
CA ASP A 422 34.98 -6.69 -2.72
C ASP A 422 36.39 -6.49 -3.19
N LYS A 423 36.54 -5.64 -4.19
CA LYS A 423 37.85 -5.31 -4.77
C LYS A 423 38.60 -6.44 -5.48
N LYS A 424 37.92 -7.48 -5.99
CA LYS A 424 38.54 -8.49 -6.90
C LYS A 424 37.74 -8.47 -8.23
N LYS A 425 38.39 -8.65 -9.39
CA LYS A 425 37.69 -8.74 -10.70
C LYS A 425 37.08 -10.15 -10.97
N ILE A 426 35.81 -10.18 -11.39
CA ILE A 426 35.03 -11.40 -11.66
C ILE A 426 34.48 -11.21 -13.05
N LEU A 427 34.78 -12.14 -13.94
CA LEU A 427 34.17 -12.16 -15.27
C LEU A 427 33.08 -13.20 -15.26
N LEU A 428 31.95 -12.83 -15.83
CA LEU A 428 30.69 -13.52 -15.71
C LEU A 428 30.03 -13.43 -17.09
N GLU A 429 29.53 -14.54 -17.58
CA GLU A 429 28.88 -14.60 -18.84
C GLU A 429 27.45 -15.16 -18.65
N GLN A 430 26.48 -14.62 -19.37
CA GLN A 430 25.13 -15.18 -19.40
C GLN A 430 24.94 -15.69 -20.80
N GLU A 431 24.37 -16.89 -20.96
CA GLU A 431 23.94 -17.33 -22.27
C GLU A 431 22.45 -17.72 -22.12
N THR A 432 21.60 -17.12 -22.93
CA THR A 432 20.20 -17.39 -22.84
C THR A 432 19.46 -17.01 -24.06
N GLY A 433 18.26 -17.57 -24.21
CA GLY A 433 17.35 -17.27 -25.29
C GLY A 433 16.27 -16.30 -24.84
N TYR A 434 16.42 -15.77 -23.64
CA TYR A 434 15.52 -14.79 -23.04
C TYR A 434 15.45 -13.59 -23.94
N PRO A 435 14.27 -13.07 -24.17
CA PRO A 435 12.96 -13.18 -23.56
C PRO A 435 12.15 -14.27 -24.22
N TRP A 436 12.69 -14.92 -25.24
CA TRP A 436 11.99 -15.98 -25.95
C TRP A 436 11.87 -17.30 -25.19
N ASN A 437 12.86 -17.64 -24.35
CA ASN A 437 12.66 -18.73 -23.38
C ASN A 437 13.37 -18.42 -22.07
N GLY A 438 13.11 -19.28 -21.09
CA GLY A 438 13.51 -19.05 -19.73
C GLY A 438 14.75 -19.78 -19.27
N ASP A 439 15.54 -20.28 -20.22
CA ASP A 439 16.81 -20.93 -19.89
C ASP A 439 18.00 -20.02 -19.88
N ILE A 440 18.66 -19.98 -18.75
CA ILE A 440 19.78 -19.10 -18.53
C ILE A 440 20.95 -19.92 -17.99
N ARG A 441 22.08 -19.89 -18.73
CA ARG A 441 23.36 -20.37 -18.20
C ARG A 441 24.20 -19.16 -17.81
N LEU A 442 24.60 -19.10 -16.55
CA LEU A 442 25.59 -18.13 -16.14
C LEU A 442 26.90 -18.81 -15.79
N LYS A 443 28.05 -18.34 -16.33
CA LYS A 443 29.37 -18.95 -16.02
C LYS A 443 30.36 -17.94 -15.42
N ILE A 444 31.08 -18.31 -14.38
CA ILE A 444 32.27 -17.55 -13.97
C ILE A 444 33.39 -17.88 -14.94
N THR A 445 33.86 -16.92 -15.74
CA THR A 445 34.92 -17.20 -16.70
C THR A 445 36.33 -16.81 -16.26
N GLN A 446 36.45 -15.94 -15.28
CA GLN A 446 37.74 -15.58 -14.68
C GLN A 446 37.43 -15.12 -13.26
N GLY A 447 38.42 -15.22 -12.41
CA GLY A 447 38.32 -14.76 -11.05
C GLY A 447 37.87 -15.81 -10.11
N ASN A 448 38.04 -15.54 -8.85
CA ASN A 448 37.62 -16.43 -7.81
C ASN A 448 37.42 -15.57 -6.59
N GLN A 449 36.26 -15.67 -5.98
CA GLN A 449 35.88 -14.85 -4.84
C GLN A 449 34.66 -15.41 -4.14
N ASP A 450 34.60 -15.27 -2.84
CA ASP A 450 33.43 -15.66 -2.09
C ASP A 450 32.45 -14.53 -2.20
N PHE A 451 31.21 -14.83 -2.57
CA PHE A 451 30.16 -13.84 -2.71
C PHE A 451 28.83 -14.55 -2.84
N THR A 452 27.75 -13.77 -2.79
CA THR A 452 26.40 -14.28 -2.84
C THR A 452 25.81 -13.75 -4.13
N MET A 453 25.45 -14.65 -5.04
CA MET A 453 24.81 -14.26 -6.26
C MET A 453 23.29 -14.20 -6.03
N LYS A 454 22.67 -13.10 -6.36
CA LYS A 454 21.24 -12.93 -6.16
C LYS A 454 20.58 -12.95 -7.54
N LEU A 455 19.80 -14.01 -7.83
CA LEU A 455 19.12 -14.10 -9.09
C LEU A 455 17.72 -13.62 -8.95
N ARG A 456 17.36 -12.58 -9.71
CA ARG A 456 15.98 -12.10 -9.70
C ARG A 456 15.13 -13.25 -10.22
N ILE A 457 14.07 -13.54 -9.48
CA ILE A 457 13.11 -14.51 -9.93
C ILE A 457 11.89 -13.69 -10.31
N PRO A 458 11.63 -13.53 -11.62
CA PRO A 458 10.60 -12.55 -11.99
C PRO A 458 9.22 -12.86 -11.43
N GLY A 459 8.45 -11.80 -11.11
CA GLY A 459 7.10 -11.93 -10.61
C GLY A 459 6.25 -12.87 -11.47
N TRP A 460 6.41 -12.74 -12.78
CA TRP A 460 5.64 -13.49 -13.72
C TRP A 460 5.82 -15.01 -13.56
N VAL A 461 6.97 -15.43 -13.09
CA VAL A 461 7.20 -16.85 -12.88
C VAL A 461 6.72 -17.34 -11.51
N ARG A 462 6.31 -16.42 -10.67
CA ARG A 462 5.84 -16.72 -9.36
C ARG A 462 4.39 -16.43 -9.15
N GLY A 463 3.67 -16.12 -10.20
CA GLY A 463 2.28 -15.79 -10.08
C GLY A 463 1.91 -14.34 -9.89
N ASN A 464 2.85 -13.44 -9.95
CA ASN A 464 2.60 -12.00 -9.82
C ASN A 464 2.79 -11.28 -11.16
N VAL A 465 1.71 -10.75 -11.70
CA VAL A 465 1.75 -9.98 -12.92
C VAL A 465 2.57 -8.73 -12.69
N LEU A 466 2.24 -8.06 -11.57
CA LEU A 466 2.95 -6.92 -11.03
C LEU A 466 2.82 -6.94 -9.49
N PRO A 467 3.71 -6.21 -8.79
CA PRO A 467 3.46 -6.10 -7.34
C PRO A 467 2.08 -5.44 -7.12
N GLY A 468 1.31 -5.92 -6.16
CA GLY A 468 -0.04 -5.38 -5.92
C GLY A 468 -1.14 -6.10 -6.67
N ASP A 469 -2.36 -5.57 -6.61
CA ASP A 469 -3.56 -6.23 -7.11
C ASP A 469 -4.25 -5.47 -8.26
N LEU A 470 -3.50 -4.69 -9.03
CA LEU A 470 -4.06 -4.13 -10.26
C LEU A 470 -4.38 -5.19 -11.27
N TYR A 471 -3.60 -6.25 -11.27
CA TYR A 471 -3.77 -7.30 -12.26
C TYR A 471 -3.62 -8.66 -11.63
N SER A 472 -4.24 -9.68 -12.25
CA SER A 472 -3.98 -11.09 -11.90
C SER A 472 -4.08 -12.05 -13.10
N TYR A 473 -3.42 -13.19 -12.98
CA TYR A 473 -3.43 -14.22 -14.00
C TYR A 473 -4.79 -14.87 -13.91
N ALA A 474 -5.48 -15.03 -15.03
CA ALA A 474 -6.86 -15.54 -15.03
C ALA A 474 -6.97 -16.92 -15.66
N ASP A 475 -5.89 -17.71 -15.64
CA ASP A 475 -5.92 -19.08 -16.17
C ASP A 475 -5.61 -20.04 -15.00
N ASN A 476 -5.36 -21.29 -15.30
CA ASN A 476 -5.04 -22.26 -14.25
C ASN A 476 -3.56 -22.58 -14.19
N GLN A 477 -2.75 -21.90 -14.99
CA GLN A 477 -1.41 -22.34 -15.20
C GLN A 477 -0.60 -22.07 -13.93
N LYS A 478 0.41 -22.89 -13.70
CA LYS A 478 1.16 -22.88 -12.45
C LYS A 478 2.64 -22.95 -12.83
N PRO A 479 3.17 -21.86 -13.37
CA PRO A 479 4.57 -21.89 -13.82
C PRO A 479 5.53 -22.21 -12.65
N ALA A 480 6.63 -22.88 -12.98
CA ALA A 480 7.61 -23.37 -12.05
C ALA A 480 8.98 -22.82 -12.45
N TYR A 481 9.88 -22.82 -11.50
CA TYR A 481 11.28 -22.46 -11.80
C TYR A 481 12.24 -23.32 -10.99
N GLN A 482 13.44 -23.52 -11.56
CA GLN A 482 14.55 -24.29 -10.92
C GLN A 482 15.89 -23.61 -11.17
N VAL A 483 16.69 -23.56 -10.11
CA VAL A 483 18.08 -23.15 -10.15
C VAL A 483 19.03 -24.26 -9.67
N SER A 484 20.18 -24.40 -10.37
CA SER A 484 21.33 -25.29 -10.01
C SER A 484 22.69 -24.64 -10.07
N VAL A 485 23.57 -24.90 -9.10
CA VAL A 485 24.96 -24.45 -9.17
C VAL A 485 25.77 -25.76 -9.28
N ASN A 486 26.54 -25.87 -10.36
CA ASN A 486 27.37 -27.05 -10.65
C ASN A 486 26.62 -28.37 -10.42
N GLY A 487 25.43 -28.45 -11.00
CA GLY A 487 24.60 -29.64 -10.89
C GLY A 487 23.89 -29.91 -9.55
N GLN A 488 24.04 -29.06 -8.52
CA GLN A 488 23.30 -29.19 -7.23
C GLN A 488 22.12 -28.16 -7.21
N THR A 489 20.88 -28.64 -7.14
CA THR A 489 19.67 -27.83 -7.11
C THR A 489 19.70 -26.87 -5.92
N VAL A 490 19.35 -25.61 -6.14
CA VAL A 490 19.18 -24.67 -5.03
C VAL A 490 17.68 -24.73 -4.72
N GLU A 491 17.34 -25.21 -3.53
CA GLU A 491 15.99 -25.07 -2.98
C GLU A 491 16.22 -24.28 -1.71
N SER A 492 16.76 -23.07 -1.94
CA SER A 492 16.91 -22.03 -0.95
C SER A 492 15.67 -21.14 -1.13
N ASP A 493 15.49 -20.16 -0.24
CA ASP A 493 14.25 -19.40 -0.15
C ASP A 493 14.32 -18.12 -0.98
N VAL A 494 13.23 -17.78 -1.66
CA VAL A 494 13.10 -16.51 -2.33
C VAL A 494 12.86 -15.41 -1.32
N ASN A 495 13.87 -14.58 -1.10
CA ASN A 495 13.70 -13.38 -0.25
C ASN A 495 13.95 -12.06 -1.08
N ASP A 496 13.03 -11.11 -0.87
CA ASP A 496 13.10 -9.83 -1.55
C ASP A 496 13.07 -10.05 -3.06
N GLY A 497 12.47 -11.15 -3.52
CA GLY A 497 12.39 -11.48 -4.94
C GLY A 497 13.61 -12.09 -5.61
N TYR A 498 14.64 -12.46 -4.82
CA TYR A 498 15.89 -13.03 -5.30
C TYR A 498 16.05 -14.43 -4.74
N LEU A 499 16.55 -15.33 -5.58
CA LEU A 499 17.19 -16.56 -5.08
C LEU A 499 18.68 -16.31 -4.90
N SER A 500 19.12 -16.41 -3.64
CA SER A 500 20.45 -16.03 -3.19
C SER A 500 21.34 -17.28 -3.03
N ILE A 501 22.53 -17.26 -3.63
CA ILE A 501 23.50 -18.37 -3.63
C ILE A 501 24.85 -17.88 -3.11
N ALA A 502 25.19 -18.20 -1.87
CA ALA A 502 26.50 -17.80 -1.29
C ALA A 502 27.55 -18.95 -1.32
N ARG A 503 28.68 -18.74 -1.97
CA ARG A 503 29.76 -19.75 -2.03
C ARG A 503 31.04 -19.11 -2.54
N LYS A 504 32.15 -19.87 -2.54
CA LYS A 504 33.37 -19.55 -3.25
C LYS A 504 33.09 -19.80 -4.71
N TRP A 505 33.14 -18.75 -5.50
CA TRP A 505 32.95 -18.81 -6.94
C TRP A 505 34.34 -18.87 -7.58
N LYS A 506 34.56 -19.72 -8.61
CA LYS A 506 35.86 -19.83 -9.38
C LYS A 506 35.58 -19.89 -10.87
N LYS A 507 36.58 -19.52 -11.71
CA LYS A 507 36.55 -19.85 -13.17
C LYS A 507 36.01 -21.29 -13.35
N GLY A 508 35.01 -21.47 -14.21
CA GLY A 508 34.42 -22.77 -14.51
C GLY A 508 33.04 -23.03 -13.92
N ASP A 509 32.76 -22.46 -12.77
CA ASP A 509 31.47 -22.63 -12.08
C ASP A 509 30.31 -22.17 -12.91
N VAL A 510 29.24 -22.99 -12.94
CA VAL A 510 28.07 -22.75 -13.79
C VAL A 510 26.79 -22.70 -12.93
N VAL A 511 25.95 -21.75 -13.24
CA VAL A 511 24.64 -21.59 -12.64
C VAL A 511 23.68 -21.84 -13.76
N GLU A 512 22.73 -22.69 -13.54
CA GLU A 512 21.73 -22.97 -14.52
C GLU A 512 20.37 -22.62 -13.98
N VAL A 513 19.64 -21.86 -14.75
CA VAL A 513 18.34 -21.36 -14.36
C VAL A 513 17.25 -21.67 -15.36
N HIS A 514 16.13 -22.14 -14.88
CA HIS A 514 14.99 -22.39 -15.72
C HIS A 514 13.71 -21.74 -15.21
N PHE A 515 13.08 -20.96 -16.05
CA PHE A 515 11.78 -20.33 -15.80
C PHE A 515 10.86 -20.89 -16.86
N ASP A 516 9.73 -21.49 -16.47
CA ASP A 516 8.68 -21.84 -17.47
C ASP A 516 8.17 -20.53 -18.07
N MET A 517 8.08 -20.53 -19.39
CA MET A 517 7.39 -19.47 -20.13
C MET A 517 6.14 -19.96 -20.88
N ILE A 518 5.00 -19.82 -20.22
CA ILE A 518 3.71 -20.34 -20.64
C ILE A 518 2.84 -19.11 -20.97
N PRO A 519 2.13 -19.11 -22.11
CA PRO A 519 1.24 -18.01 -22.45
C PRO A 519 0.19 -17.86 -21.39
N ARG A 520 -0.04 -16.62 -20.97
CA ARG A 520 -0.92 -16.32 -19.86
C ARG A 520 -2.04 -15.42 -20.34
N ILE A 521 -3.17 -15.55 -19.70
CA ILE A 521 -4.18 -14.48 -19.78
C ILE A 521 -4.19 -13.72 -18.47
N VAL A 522 -4.34 -12.40 -18.60
CA VAL A 522 -4.29 -11.47 -17.50
C VAL A 522 -5.64 -10.76 -17.42
N LYS A 523 -6.15 -10.66 -16.20
CA LYS A 523 -7.40 -9.96 -15.89
C LYS A 523 -7.05 -8.68 -15.06
N ALA A 524 -7.69 -7.57 -15.34
CA ALA A 524 -7.51 -6.36 -14.50
C ALA A 524 -8.46 -6.38 -13.35
N ASN A 525 -8.02 -5.78 -12.23
CA ASN A 525 -8.91 -5.39 -11.12
C ASN A 525 -10.25 -4.95 -11.70
N PRO A 526 -11.36 -5.44 -11.13
CA PRO A 526 -12.72 -5.03 -11.58
C PRO A 526 -12.97 -3.50 -11.52
N LYS A 527 -12.15 -2.76 -10.79
CA LYS A 527 -12.29 -1.28 -10.79
C LYS A 527 -11.82 -0.66 -12.11
N VAL A 528 -11.03 -1.39 -12.91
CA VAL A 528 -10.62 -0.85 -14.21
C VAL A 528 -11.73 -1.09 -15.20
N GLU A 529 -12.47 -0.05 -15.51
CA GLU A 529 -13.69 -0.23 -16.29
C GLU A 529 -13.40 -0.59 -17.72
N ALA A 530 -12.32 -0.02 -18.25
CA ALA A 530 -11.93 -0.23 -19.62
C ALA A 530 -11.71 -1.70 -19.99
N ASP A 531 -11.25 -2.49 -19.02
CA ASP A 531 -10.89 -3.84 -19.28
C ASP A 531 -11.92 -4.82 -18.76
N HIS A 532 -13.16 -4.38 -18.49
CA HIS A 532 -14.29 -5.31 -18.17
C HIS A 532 -14.48 -6.26 -19.33
N GLY A 533 -14.69 -7.56 -19.02
CA GLY A 533 -14.89 -8.62 -20.02
C GLY A 533 -13.74 -8.83 -21.01
N ARG A 534 -12.51 -8.47 -20.61
CA ARG A 534 -11.36 -8.52 -21.50
C ARG A 534 -10.19 -9.08 -20.77
N VAL A 535 -9.28 -9.77 -21.49
CA VAL A 535 -7.99 -10.22 -20.92
C VAL A 535 -6.84 -9.85 -21.87
N ALA A 536 -5.65 -9.73 -21.33
CA ALA A 536 -4.45 -9.47 -22.08
C ALA A 536 -3.59 -10.73 -22.18
N VAL A 537 -2.89 -10.88 -23.27
CA VAL A 537 -2.04 -12.03 -23.46
C VAL A 537 -0.54 -11.73 -23.25
N GLU A 538 0.09 -12.58 -22.48
CA GLU A 538 1.46 -12.45 -22.06
C GLU A 538 2.30 -13.75 -22.06
N ARG A 539 3.61 -13.65 -22.22
CA ARG A 539 4.55 -14.78 -22.17
C ARG A 539 5.92 -14.31 -21.72
N GLY A 540 6.46 -14.89 -20.67
CA GLY A 540 7.70 -14.40 -20.11
C GLY A 540 7.49 -12.91 -19.81
N PRO A 541 8.47 -12.04 -20.13
CA PRO A 541 8.29 -10.61 -19.93
C PRO A 541 7.57 -9.85 -21.07
N ILE A 542 7.09 -10.54 -22.10
CA ILE A 542 6.50 -9.93 -23.26
C ILE A 542 4.98 -9.96 -23.22
N VAL A 543 4.40 -8.77 -23.28
CA VAL A 543 3.01 -8.59 -23.60
C VAL A 543 2.67 -8.64 -25.12
N TYR A 544 1.61 -9.36 -25.42
CA TYR A 544 1.16 -9.57 -26.80
C TYR A 544 -0.04 -8.71 -27.18
N CYS A 545 -0.26 -8.60 -28.46
CA CYS A 545 -1.38 -7.92 -29.02
C CYS A 545 -1.86 -8.65 -30.28
N ALA A 546 -3.08 -8.33 -30.67
CA ALA A 546 -3.61 -8.75 -31.96
C ALA A 546 -3.48 -7.60 -32.95
N GLU A 547 -2.81 -7.83 -34.07
CA GLU A 547 -2.66 -6.78 -35.09
C GLU A 547 -3.16 -7.29 -36.44
N TRP A 548 -3.71 -6.37 -37.25
CA TRP A 548 -4.42 -6.67 -38.52
C TRP A 548 -3.67 -7.54 -39.56
N PRO A 549 -2.34 -7.36 -39.75
CA PRO A 549 -1.68 -8.21 -40.77
C PRO A 549 -1.76 -9.70 -40.59
N ASP A 550 -1.92 -10.16 -39.37
CA ASP A 550 -1.83 -11.62 -39.03
C ASP A 550 -3.17 -12.33 -39.01
N ASN A 551 -4.23 -11.61 -39.33
CA ASN A 551 -5.54 -12.05 -39.00
C ASN A 551 -6.42 -11.66 -40.12
N ARG A 552 -7.05 -12.64 -40.75
CA ARG A 552 -7.88 -12.35 -41.92
C ARG A 552 -9.35 -12.08 -41.52
N PHE A 553 -9.48 -11.12 -40.60
CA PHE A 553 -10.72 -10.68 -39.98
C PHE A 553 -10.51 -9.39 -39.18
N ASN A 554 -11.58 -8.76 -38.73
CA ASN A 554 -11.43 -7.55 -37.95
C ASN A 554 -10.98 -7.95 -36.57
N VAL A 555 -9.87 -7.37 -36.17
CA VAL A 555 -9.24 -7.63 -34.92
C VAL A 555 -10.04 -7.15 -33.71
N HIS A 556 -10.92 -6.21 -33.90
CA HIS A 556 -11.75 -5.70 -32.85
C HIS A 556 -13.00 -6.53 -32.66
N SER A 557 -13.13 -7.57 -33.46
CA SER A 557 -14.29 -8.42 -33.41
C SER A 557 -14.09 -9.78 -32.85
N ILE A 558 -12.95 -10.08 -32.26
CA ILE A 558 -12.74 -11.40 -31.76
C ILE A 558 -13.40 -11.64 -30.44
N LEU A 559 -13.68 -12.88 -30.18
CA LEU A 559 -14.21 -13.30 -28.93
C LEU A 559 -13.42 -14.54 -28.62
N LEU A 560 -12.61 -14.44 -27.59
CA LEU A 560 -11.79 -15.55 -27.18
C LEU A 560 -12.62 -16.65 -26.62
N ASN A 561 -12.04 -17.82 -26.58
CA ASN A 561 -12.79 -18.97 -26.04
C ASN A 561 -12.97 -18.69 -24.58
N GLN A 562 -13.99 -19.24 -23.95
CA GLN A 562 -14.08 -19.10 -22.49
C GLN A 562 -12.85 -19.63 -21.69
N HIS A 563 -12.15 -20.63 -22.21
CA HIS A 563 -10.97 -21.21 -21.59
C HIS A 563 -9.93 -21.33 -22.69
N PRO A 564 -9.37 -20.19 -23.14
CA PRO A 564 -8.54 -20.19 -24.35
C PRO A 564 -7.31 -21.06 -24.24
N GLN A 565 -6.99 -21.82 -25.29
CA GLN A 565 -5.80 -22.68 -25.36
C GLN A 565 -4.84 -21.98 -26.32
N PHE A 566 -3.55 -21.98 -25.99
CA PHE A 566 -2.51 -21.25 -26.74
C PHE A 566 -1.40 -22.15 -27.36
N LYS A 567 -0.93 -21.80 -28.56
CA LYS A 567 0.21 -22.42 -29.19
C LYS A 567 1.28 -21.40 -29.46
N VAL A 568 2.52 -21.69 -29.13
CA VAL A 568 3.63 -20.81 -29.41
C VAL A 568 4.45 -21.33 -30.60
N THR A 569 4.82 -20.46 -31.50
CA THR A 569 5.59 -20.81 -32.67
C THR A 569 6.73 -19.85 -32.95
N ASP A 570 7.92 -20.36 -33.27
CA ASP A 570 9.09 -19.55 -33.57
C ASP A 570 9.00 -19.00 -34.97
N LYS A 571 9.28 -17.73 -35.12
CA LYS A 571 9.22 -17.09 -36.39
C LYS A 571 10.44 -16.24 -36.52
N PRO A 572 11.56 -16.86 -36.84
CA PRO A 572 12.84 -16.18 -36.95
C PRO A 572 12.99 -15.12 -38.04
N GLU A 573 12.15 -15.12 -39.05
CA GLU A 573 12.25 -14.16 -40.10
C GLU A 573 11.14 -13.15 -40.10
N LEU A 574 10.28 -13.19 -39.10
CA LEU A 574 9.18 -12.27 -38.98
C LEU A 574 9.42 -11.23 -37.91
N LEU A 575 9.33 -9.96 -38.29
CA LEU A 575 9.51 -8.83 -37.38
C LEU A 575 10.78 -8.92 -36.54
N TYR A 576 11.90 -9.20 -37.21
CA TYR A 576 13.25 -9.38 -36.65
C TYR A 576 13.47 -10.63 -35.79
N GLY A 577 12.52 -11.54 -35.76
CA GLY A 577 12.66 -12.75 -34.99
C GLY A 577 11.80 -12.73 -33.76
N ILE A 578 10.69 -13.45 -33.79
CA ILE A 578 9.76 -13.50 -32.68
C ILE A 578 9.08 -14.83 -32.49
N ARG A 579 8.44 -14.96 -31.36
CA ARG A 579 7.60 -16.08 -31.12
C ARG A 579 6.19 -15.53 -31.24
N GLN A 580 5.36 -16.14 -32.05
CA GLN A 580 3.98 -15.72 -32.15
C GLN A 580 3.08 -16.67 -31.38
N ILE A 581 1.92 -16.19 -31.01
CA ILE A 581 1.00 -17.00 -30.26
C ILE A 581 -0.28 -17.16 -31.03
N THR A 582 -0.78 -18.37 -31.03
CA THR A 582 -1.97 -18.70 -31.73
C THR A 582 -3.09 -19.25 -30.83
N THR A 583 -4.33 -18.89 -31.09
CA THR A 583 -5.44 -19.43 -30.34
C THR A 583 -6.70 -19.54 -31.21
N ASP A 584 -7.54 -20.52 -30.93
CA ASP A 584 -8.79 -20.73 -31.65
C ASP A 584 -9.88 -19.84 -31.05
N ALA A 585 -10.44 -18.95 -31.85
CA ALA A 585 -11.36 -17.95 -31.42
C ALA A 585 -12.51 -17.81 -32.37
N GLN A 586 -13.41 -16.85 -32.09
CA GLN A 586 -14.50 -16.53 -32.99
C GLN A 586 -14.39 -15.07 -33.36
N ALA A 587 -14.78 -14.77 -34.58
CA ALA A 587 -14.93 -13.40 -35.03
C ALA A 587 -16.41 -13.17 -35.31
N LEU A 588 -16.93 -12.03 -34.89
CA LEU A 588 -18.35 -11.73 -34.91
C LEU A 588 -18.62 -10.70 -35.98
N SER A 589 -19.77 -10.79 -36.63
CA SER A 589 -20.11 -9.87 -37.71
C SER A 589 -21.60 -9.92 -37.81
N TYR A 590 -22.21 -8.90 -38.45
CA TYR A 590 -23.67 -8.93 -38.69
C TYR A 590 -23.87 -9.23 -40.19
N ASP A 591 -24.53 -10.33 -40.51
CA ASP A 591 -24.85 -10.68 -41.92
C ASP A 591 -25.92 -9.76 -42.54
N LYS A 592 -26.25 -10.02 -43.80
CA LYS A 592 -27.18 -9.19 -44.60
C LYS A 592 -28.62 -9.24 -44.10
N ALA A 593 -29.00 -10.36 -43.50
CA ALA A 593 -30.29 -10.49 -42.87
C ALA A 593 -30.38 -9.88 -41.43
N GLY A 594 -29.33 -9.15 -41.01
CA GLY A 594 -29.29 -8.50 -39.71
C GLY A 594 -29.04 -9.37 -38.50
N LYS A 595 -28.51 -10.58 -38.72
CA LYS A 595 -28.28 -11.56 -37.65
C LYS A 595 -26.82 -11.55 -37.32
N LEU A 596 -26.51 -11.76 -36.04
CA LEU A 596 -25.15 -11.94 -35.61
C LEU A 596 -24.66 -13.30 -36.16
N VAL A 597 -23.43 -13.31 -36.65
CA VAL A 597 -22.82 -14.52 -37.10
C VAL A 597 -21.49 -14.64 -36.43
N THR A 598 -21.17 -15.87 -36.05
CA THR A 598 -19.89 -16.20 -35.46
C THR A 598 -19.14 -17.08 -36.46
N LYS A 599 -17.85 -16.83 -36.60
CA LYS A 599 -17.00 -17.60 -37.49
C LYS A 599 -15.77 -18.04 -36.70
N ASP A 600 -15.43 -19.32 -36.81
CA ASP A 600 -14.27 -19.86 -36.15
C ASP A 600 -13.02 -19.39 -36.87
N VAL A 601 -12.07 -18.85 -36.14
CA VAL A 601 -10.85 -18.33 -36.73
C VAL A 601 -9.66 -18.72 -35.89
N GLU A 602 -8.51 -18.81 -36.54
CA GLU A 602 -7.22 -18.80 -35.86
C GLU A 602 -6.76 -17.35 -35.60
N LEU A 603 -6.55 -17.03 -34.31
CA LEU A 603 -6.08 -15.70 -33.89
C LEU A 603 -4.56 -15.72 -33.69
N THR A 604 -3.85 -14.87 -34.40
CA THR A 604 -2.40 -14.87 -34.33
C THR A 604 -2.01 -13.55 -33.62
N LEU A 605 -1.18 -13.71 -32.61
CA LEU A 605 -0.71 -12.62 -31.72
C LEU A 605 0.78 -12.44 -31.81
N ILE A 606 1.18 -11.17 -31.75
CA ILE A 606 2.58 -10.76 -31.83
C ILE A 606 2.98 -9.94 -30.58
N PRO A 607 4.30 -9.84 -30.26
CA PRO A 607 4.71 -8.91 -29.22
C PRO A 607 4.21 -7.51 -29.49
N TYR A 608 3.64 -6.85 -28.47
CA TYR A 608 3.18 -5.44 -28.53
C TYR A 608 4.24 -4.55 -29.14
N TYR A 609 5.53 -4.71 -28.77
CA TYR A 609 6.56 -3.81 -29.32
C TYR A 609 6.68 -3.86 -30.84
N ALA A 610 6.25 -4.96 -31.43
CA ALA A 610 6.43 -5.22 -32.86
C ALA A 610 5.22 -4.76 -33.69
N TRP A 611 4.22 -4.19 -33.04
CA TRP A 611 3.09 -3.68 -33.83
C TRP A 611 3.55 -2.48 -34.61
N ALA A 612 2.72 -2.08 -35.55
CA ALA A 612 2.94 -0.93 -36.41
C ALA A 612 4.16 -0.94 -37.29
N HIS A 613 4.75 -2.07 -37.57
CA HIS A 613 5.88 -2.06 -38.47
C HIS A 613 5.53 -2.38 -39.88
N ARG A 614 4.30 -2.69 -40.15
CA ARG A 614 3.92 -3.08 -41.48
C ARG A 614 2.63 -2.53 -42.04
N GLY A 615 2.31 -1.30 -41.72
CA GLY A 615 1.13 -0.62 -42.22
C GLY A 615 0.14 -0.25 -41.18
N GLU A 616 -0.55 0.84 -41.37
CA GLU A 616 -1.56 1.31 -40.45
C GLU A 616 -2.78 0.41 -40.49
N GLY A 617 -3.44 0.23 -39.36
CA GLY A 617 -4.59 -0.64 -39.22
C GLY A 617 -4.90 -0.96 -37.77
N ASP A 618 -5.80 -1.91 -37.57
CA ASP A 618 -6.36 -2.21 -36.27
C ASP A 618 -5.41 -2.97 -35.37
N MET A 619 -5.49 -2.70 -34.08
CA MET A 619 -4.68 -3.38 -33.08
C MET A 619 -5.42 -3.38 -31.76
N GLU A 620 -5.26 -4.44 -30.95
CA GLU A 620 -5.90 -4.55 -29.59
C GLU A 620 -4.98 -5.31 -28.68
N VAL A 621 -4.76 -4.82 -27.47
CA VAL A 621 -4.05 -5.61 -26.41
C VAL A 621 -5.07 -6.37 -25.56
N TRP A 622 -6.11 -5.64 -25.15
CA TRP A 622 -7.11 -6.19 -24.28
C TRP A 622 -8.25 -6.84 -25.13
N LEU A 623 -8.22 -8.17 -25.18
CA LEU A 623 -9.06 -9.00 -26.05
C LEU A 623 -10.35 -9.41 -25.34
N PRO A 624 -11.52 -9.24 -25.97
CA PRO A 624 -12.74 -9.73 -25.32
C PRO A 624 -12.74 -11.23 -25.06
N ILE A 625 -13.12 -11.60 -23.86
CA ILE A 625 -13.45 -12.97 -23.48
C ILE A 625 -14.88 -13.05 -22.97
N ASP A 626 -15.64 -11.99 -23.19
CA ASP A 626 -17.03 -12.03 -22.89
C ASP A 626 -17.71 -11.22 -23.92
N VAL A 627 -18.91 -11.66 -24.25
CA VAL A 627 -19.67 -11.08 -25.29
C VAL A 627 -19.97 -9.58 -24.98
N SER A 628 -20.02 -9.18 -23.70
CA SER A 628 -20.21 -7.73 -23.34
C SER A 628 -19.16 -6.79 -23.90
N ALA A 629 -17.99 -7.32 -24.17
CA ALA A 629 -16.88 -6.54 -24.65
C ALA A 629 -16.63 -6.61 -26.13
N THR A 630 -17.49 -7.28 -26.86
CA THR A 630 -17.30 -7.44 -28.28
C THR A 630 -17.83 -6.32 -29.14
N SER A 631 -17.39 -6.33 -30.37
CA SER A 631 -17.80 -5.33 -31.30
C SER A 631 -17.96 -5.93 -32.70
N ALA A 632 -19.18 -5.96 -33.18
CA ALA A 632 -19.45 -6.53 -34.48
C ALA A 632 -19.75 -5.47 -35.51
N GLN A 633 -19.32 -5.66 -36.73
CA GLN A 633 -19.59 -4.69 -37.78
C GLN A 633 -20.51 -5.24 -38.81
N ILE B 1 -34.13 3.86 8.91
CA ILE B 1 -33.27 4.70 8.08
C ILE B 1 -31.98 4.00 7.72
N ASN B 2 -31.77 3.77 6.44
CA ASN B 2 -30.61 3.04 5.99
C ASN B 2 -29.24 3.60 6.29
N HIS B 3 -28.37 2.73 6.78
CA HIS B 3 -26.96 3.06 7.00
C HIS B 3 -26.15 3.42 5.75
N GLY B 4 -26.56 2.95 4.57
CA GLY B 4 -25.87 3.25 3.29
C GLY B 4 -24.71 2.33 2.92
N TYR B 5 -24.35 1.39 3.78
CA TYR B 5 -23.31 0.43 3.44
C TYR B 5 -23.81 -0.55 2.38
N PRO B 6 -22.92 -1.00 1.46
CA PRO B 6 -23.44 -1.96 0.45
C PRO B 6 -23.63 -3.38 0.95
N ILE B 7 -23.19 -3.67 2.17
CA ILE B 7 -23.58 -4.91 2.88
C ILE B 7 -24.36 -4.61 4.16
N ASP B 8 -25.41 -5.39 4.47
CA ASP B 8 -26.17 -5.28 5.70
C ASP B 8 -25.66 -6.17 6.83
N PRO B 9 -25.61 -5.64 8.06
CA PRO B 9 -25.33 -6.44 9.27
C PRO B 9 -26.42 -7.44 9.58
N VAL B 10 -26.01 -8.52 10.23
CA VAL B 10 -26.91 -9.45 10.83
C VAL B 10 -26.80 -9.12 12.28
N PRO B 11 -27.88 -8.56 12.84
CA PRO B 11 -27.74 -8.01 14.17
C PRO B 11 -27.47 -9.06 15.25
N PHE B 12 -26.94 -8.63 16.38
CA PHE B 12 -26.56 -9.58 17.42
C PHE B 12 -27.78 -10.39 17.93
N THR B 13 -28.98 -9.79 17.87
CA THR B 13 -30.25 -10.43 18.27
C THR B 13 -30.73 -11.64 17.42
N SER B 14 -30.15 -11.82 16.24
CA SER B 14 -30.46 -12.93 15.35
C SER B 14 -29.56 -14.16 15.56
N VAL B 15 -28.61 -14.09 16.50
CA VAL B 15 -27.63 -15.19 16.66
C VAL B 15 -27.50 -15.60 18.13
N LYS B 16 -27.91 -16.83 18.46
CA LYS B 16 -27.75 -17.38 19.79
C LYS B 16 -26.46 -18.23 19.80
N VAL B 17 -25.53 -17.85 20.64
CA VAL B 17 -24.24 -18.54 20.69
C VAL B 17 -24.44 -19.79 21.54
N THR B 18 -23.99 -20.92 21.01
CA THR B 18 -24.18 -22.23 21.62
C THR B 18 -22.85 -22.91 21.89
N ASP B 19 -21.76 -22.18 21.74
CA ASP B 19 -20.45 -22.74 21.92
C ASP B 19 -20.02 -22.68 23.38
N ASN B 20 -18.73 -22.96 23.56
CA ASN B 20 -18.05 -22.86 24.79
C ASN B 20 -17.18 -21.59 24.92
N PHE B 21 -16.46 -21.23 23.88
CA PHE B 21 -15.44 -20.13 23.99
C PHE B 21 -16.15 -18.81 24.25
N TRP B 22 -17.01 -18.42 23.30
CA TRP B 22 -17.69 -17.12 23.32
C TRP B 22 -18.83 -17.15 24.29
N GLY B 23 -19.47 -18.30 24.40
CA GLY B 23 -20.57 -18.48 25.31
C GLY B 23 -20.15 -18.15 26.72
N GLN B 24 -18.98 -18.58 27.11
CA GLN B 24 -18.51 -18.27 28.44
C GLN B 24 -18.15 -16.80 28.60
N ARG B 25 -17.65 -16.17 27.56
CA ARG B 25 -17.36 -14.75 27.63
C ARG B 25 -18.69 -14.02 27.83
N LEU B 26 -19.69 -14.39 27.07
CA LEU B 26 -20.99 -13.78 27.18
C LEU B 26 -21.64 -13.95 28.55
N GLN B 27 -21.52 -15.13 29.14
CA GLN B 27 -22.08 -15.38 30.43
C GLN B 27 -21.37 -14.56 31.44
N ALA B 28 -20.05 -14.50 31.34
CA ALA B 28 -19.24 -13.73 32.26
C ALA B 28 -19.52 -12.26 32.21
N SER B 29 -19.72 -11.71 31.02
CA SER B 29 -20.07 -10.30 30.90
C SER B 29 -21.36 -9.93 31.68
N ARG B 30 -22.37 -10.78 31.52
CA ARG B 30 -23.69 -10.55 32.10
C ARG B 30 -23.74 -10.80 33.59
N GLU B 31 -23.04 -11.84 34.06
CA GLU B 31 -23.04 -12.23 35.50
C GLU B 31 -22.05 -11.51 36.36
N VAL B 32 -20.90 -11.11 35.81
CA VAL B 32 -19.84 -10.48 36.58
C VAL B 32 -19.48 -9.07 36.07
N THR B 33 -19.25 -8.90 34.77
CA THR B 33 -18.63 -7.65 34.30
C THR B 33 -19.60 -6.50 34.45
N ILE B 34 -20.79 -6.65 33.89
CA ILE B 34 -21.78 -5.56 33.94
C ILE B 34 -22.20 -5.22 35.40
N PRO B 35 -22.56 -6.24 36.18
CA PRO B 35 -22.83 -5.87 37.58
C PRO B 35 -21.63 -5.23 38.29
N LEU B 36 -20.39 -5.67 37.99
CA LEU B 36 -19.17 -5.01 38.56
C LEU B 36 -19.01 -3.56 38.16
N ALA B 37 -19.19 -3.28 36.87
CA ALA B 37 -19.04 -1.93 36.37
C ALA B 37 -20.02 -0.97 37.02
N PHE B 38 -21.27 -1.41 37.08
CA PHE B 38 -22.28 -0.63 37.82
C PHE B 38 -21.89 -0.35 39.28
N SER B 39 -21.40 -1.39 39.95
CA SER B 39 -21.03 -1.28 41.35
C SER B 39 -19.83 -0.34 41.52
N LYS B 40 -18.92 -0.40 40.55
CA LYS B 40 -17.78 0.55 40.55
C LYS B 40 -18.22 1.94 40.22
N CYS B 41 -19.18 2.12 39.33
CA CYS B 41 -19.65 3.46 39.02
C CYS B 41 -20.12 4.12 40.32
N GLU B 42 -20.76 3.33 41.14
CA GLU B 42 -21.24 3.74 42.41
C GLU B 42 -20.14 3.93 43.40
N GLU B 43 -19.28 2.94 43.50
CA GLU B 43 -18.23 2.95 44.46
C GLU B 43 -17.28 4.11 44.29
N THR B 44 -16.96 4.42 43.06
CA THR B 44 -16.04 5.47 42.77
C THR B 44 -16.59 6.89 42.63
N GLY B 45 -17.87 7.07 42.85
CA GLY B 45 -18.45 8.38 42.74
C GLY B 45 -18.98 8.81 41.39
N ARG B 46 -19.17 7.87 40.50
CA ARG B 46 -19.67 8.15 39.19
C ARG B 46 -21.13 8.63 39.31
N TYR B 47 -21.94 7.97 40.12
CA TYR B 47 -23.33 8.37 40.31
C TYR B 47 -23.35 9.68 41.06
N GLU B 48 -22.53 9.79 42.07
CA GLU B 48 -22.41 10.97 42.89
C GLU B 48 -22.08 12.25 42.12
N ASN B 49 -21.35 12.17 41.03
CA ASN B 49 -21.05 13.30 40.17
C ASN B 49 -22.35 13.90 39.64
N PHE B 50 -23.24 13.06 39.15
CA PHE B 50 -24.57 13.49 38.65
C PHE B 50 -25.46 14.15 39.76
N VAL B 51 -25.39 13.61 40.97
CA VAL B 51 -26.13 14.13 42.14
C VAL B 51 -25.58 15.51 42.48
N LYS B 52 -24.26 15.61 42.49
CA LYS B 52 -23.66 16.90 42.79
C LYS B 52 -24.02 17.89 41.68
N ALA B 53 -24.07 17.43 40.43
CA ALA B 53 -24.48 18.35 39.35
C ALA B 53 -25.91 18.83 39.54
N ALA B 54 -26.77 17.98 40.12
CA ALA B 54 -28.17 18.40 40.43
C ALA B 54 -28.24 19.46 41.53
N HIS B 55 -27.22 19.55 42.37
CA HIS B 55 -27.14 20.49 43.49
C HIS B 55 -25.84 21.26 43.44
N PRO B 56 -25.68 22.16 42.44
CA PRO B 56 -24.42 22.88 42.25
C PRO B 56 -23.93 23.59 43.50
N SER B 57 -22.62 23.56 43.71
CA SER B 57 -22.00 24.30 44.80
C SER B 57 -20.56 24.75 44.52
N ASP B 58 -20.28 25.98 44.95
CA ASP B 58 -18.93 26.55 44.98
C ASP B 58 -17.95 25.66 45.74
N THR B 59 -18.43 24.88 46.71
CA THR B 59 -17.59 24.12 47.62
C THR B 59 -17.09 22.79 47.07
N TYR B 60 -17.66 22.23 45.99
CA TYR B 60 -17.17 20.88 45.56
C TYR B 60 -15.79 20.98 44.89
N LYS B 61 -14.94 20.00 45.18
CA LYS B 61 -13.61 19.86 44.54
C LYS B 61 -13.88 18.85 43.45
N VAL B 62 -13.73 19.29 42.21
CA VAL B 62 -14.24 18.47 41.09
C VAL B 62 -13.41 17.20 40.84
N GLU B 63 -12.18 17.37 40.38
CA GLU B 63 -11.29 16.18 40.27
C GLU B 63 -11.83 14.92 39.48
N GLY B 64 -11.16 13.77 39.62
CA GLY B 64 -11.20 12.68 38.64
C GLY B 64 -10.96 13.17 37.20
N PHE B 65 -11.58 12.49 36.25
CA PHE B 65 -11.50 12.84 34.84
C PHE B 65 -12.78 13.47 34.30
N SER B 66 -12.61 14.42 33.39
CA SER B 66 -13.72 15.12 32.76
C SER B 66 -14.61 14.18 31.94
N PHE B 67 -14.09 13.01 31.55
CA PHE B 67 -14.84 11.98 30.85
C PHE B 67 -15.43 10.90 31.76
N ASP B 68 -15.35 11.07 33.06
CA ASP B 68 -15.87 10.09 34.00
C ASP B 68 -17.36 9.69 33.84
N ASP B 69 -18.22 10.62 33.45
CA ASP B 69 -19.64 10.38 33.20
C ASP B 69 -19.88 9.23 32.24
N THR B 70 -18.99 9.14 31.29
CA THR B 70 -18.95 8.17 30.23
C THR B 70 -18.93 6.68 30.66
N ASP B 71 -18.41 6.36 31.84
CA ASP B 71 -18.40 5.00 32.35
C ASP B 71 -19.81 4.48 32.62
N VAL B 72 -20.70 5.37 33.02
CA VAL B 72 -22.07 5.09 33.25
C VAL B 72 -22.79 4.90 31.91
N TYR B 73 -22.58 5.83 30.99
CA TYR B 73 -23.19 5.75 29.69
C TYR B 73 -22.78 4.48 29.00
N LYS B 74 -21.53 4.10 29.13
CA LYS B 74 -21.08 2.90 28.47
C LYS B 74 -21.52 1.57 29.10
N THR B 75 -21.50 1.53 30.41
CA THR B 75 -22.11 0.43 31.13
C THR B 75 -23.59 0.27 30.80
N ILE B 76 -24.35 1.37 30.68
CA ILE B 76 -25.78 1.23 30.34
C ILE B 76 -25.91 0.65 28.94
N GLU B 77 -24.98 1.05 28.06
CA GLU B 77 -24.97 0.54 26.72
C GLU B 77 -24.86 -0.97 26.73
N GLY B 78 -23.82 -1.48 27.38
CA GLY B 78 -23.67 -2.93 27.48
C GLY B 78 -24.83 -3.68 28.13
N ALA B 79 -25.30 -3.15 29.27
CA ALA B 79 -26.47 -3.73 29.96
C ALA B 79 -27.66 -3.81 28.99
N SER B 80 -27.87 -2.73 28.23
CA SER B 80 -28.90 -2.67 27.22
C SER B 80 -28.77 -3.73 26.14
N TYR B 81 -27.58 -3.97 25.63
CA TYR B 81 -27.47 -5.03 24.64
C TYR B 81 -27.83 -6.35 25.32
N SER B 82 -27.41 -6.49 26.57
CA SER B 82 -27.65 -7.74 27.32
C SER B 82 -29.14 -8.03 27.51
N LEU B 83 -29.91 -7.00 27.81
CA LEU B 83 -31.35 -7.11 28.01
C LEU B 83 -32.10 -7.72 26.85
N GLN B 84 -31.62 -7.47 25.62
CA GLN B 84 -32.22 -8.01 24.39
C GLN B 84 -31.87 -9.51 24.10
N THR B 85 -30.84 -10.02 24.72
CA THR B 85 -30.44 -11.42 24.61
C THR B 85 -30.97 -12.20 25.82
N TYR B 86 -30.97 -11.56 27.00
CA TYR B 86 -31.40 -12.12 28.28
C TYR B 86 -32.20 -11.07 29.08
N PRO B 87 -33.56 -11.14 29.01
CA PRO B 87 -34.38 -10.21 29.78
C PRO B 87 -34.09 -10.25 31.28
N ASP B 88 -34.24 -9.13 31.93
CA ASP B 88 -33.93 -9.04 33.34
C ASP B 88 -34.61 -7.79 33.86
N LYS B 89 -35.81 -8.00 34.40
CA LYS B 89 -36.61 -6.94 35.01
C LYS B 89 -35.85 -6.13 36.08
N LYS B 90 -35.12 -6.79 36.98
CA LYS B 90 -34.35 -6.08 38.04
C LYS B 90 -33.20 -5.23 37.45
N LEU B 91 -32.58 -5.72 36.38
CA LEU B 91 -31.56 -4.93 35.67
C LEU B 91 -32.16 -3.68 35.03
N GLN B 92 -33.21 -3.90 34.24
CA GLN B 92 -33.93 -2.82 33.58
C GLN B 92 -34.44 -1.74 34.58
N LYS B 93 -34.99 -2.14 35.75
CA LYS B 93 -35.44 -1.18 36.82
C LYS B 93 -34.25 -0.43 37.45
N TYR B 94 -33.13 -1.13 37.66
CA TYR B 94 -31.89 -0.49 38.11
C TYR B 94 -31.43 0.59 37.11
N ILE B 95 -31.48 0.27 35.80
CA ILE B 95 -31.06 1.23 34.78
C ILE B 95 -31.98 2.44 34.95
N ASP B 96 -33.30 2.23 35.04
CA ASP B 96 -34.22 3.36 35.20
C ASP B 96 -33.85 4.26 36.38
N SER B 97 -33.40 3.70 37.50
CA SER B 97 -33.10 4.53 38.66
C SER B 97 -31.87 5.36 38.43
N VAL B 98 -30.88 4.77 37.74
CA VAL B 98 -29.64 5.47 37.38
C VAL B 98 -29.97 6.64 36.45
N LEU B 99 -30.92 6.43 35.54
CA LEU B 99 -31.27 7.45 34.59
C LEU B 99 -31.99 8.63 35.18
N VAL B 100 -32.72 8.38 36.27
CA VAL B 100 -33.30 9.47 37.07
C VAL B 100 -32.19 10.39 37.57
N ILE B 101 -31.13 9.80 38.16
CA ILE B 101 -29.93 10.52 38.66
C ILE B 101 -29.31 11.31 37.50
N VAL B 102 -29.02 10.61 36.40
CA VAL B 102 -28.40 11.27 35.24
C VAL B 102 -29.23 12.46 34.76
N ALA B 103 -30.54 12.23 34.63
CA ALA B 103 -31.45 13.29 34.13
C ALA B 103 -31.44 14.53 35.03
N GLY B 104 -31.32 14.31 36.33
CA GLY B 104 -31.23 15.44 37.25
C GLY B 104 -30.05 16.37 37.09
N ALA B 105 -28.94 15.91 36.48
CA ALA B 105 -27.73 16.71 36.28
C ALA B 105 -27.78 17.60 35.04
N GLN B 106 -28.78 17.36 34.21
CA GLN B 106 -28.88 17.99 32.91
C GLN B 106 -29.48 19.39 33.11
N GLU B 107 -28.77 20.40 32.60
CA GLU B 107 -29.24 21.76 32.68
C GLU B 107 -30.49 21.94 31.75
N PRO B 108 -31.22 23.07 31.86
CA PRO B 108 -32.44 23.20 31.10
C PRO B 108 -32.23 23.26 29.60
N ASP B 109 -31.12 23.83 29.10
CA ASP B 109 -30.85 23.83 27.66
C ASP B 109 -30.22 22.53 27.10
N GLY B 110 -30.08 21.54 27.94
CA GLY B 110 -29.64 20.18 27.56
C GLY B 110 -28.19 19.84 27.89
N TYR B 111 -27.41 20.84 28.28
CA TYR B 111 -26.00 20.62 28.62
C TYR B 111 -25.89 19.57 29.73
N LEU B 112 -25.15 18.50 29.49
CA LEU B 112 -24.97 17.45 30.47
C LEU B 112 -23.52 17.03 30.57
N TYR B 113 -22.87 17.60 31.60
CA TYR B 113 -21.43 17.49 31.76
C TYR B 113 -21.12 17.90 33.17
N THR B 114 -21.01 16.90 34.04
CA THR B 114 -21.01 17.10 35.45
C THR B 114 -19.72 17.80 35.88
N ALA B 115 -18.62 17.64 35.13
CA ALA B 115 -17.36 18.32 35.48
C ALA B 115 -17.44 19.86 35.42
N ARG B 116 -18.47 20.40 34.76
CA ARG B 116 -18.78 21.80 34.87
C ARG B 116 -19.99 22.08 35.76
N THR B 117 -21.09 21.36 35.55
CA THR B 117 -22.37 21.72 36.18
C THR B 117 -22.39 21.68 37.73
N MET B 118 -21.65 20.74 38.30
CA MET B 118 -21.52 20.64 39.73
C MET B 118 -20.83 21.83 40.36
N ASN B 119 -19.99 22.55 39.64
CA ASN B 119 -19.32 23.74 40.22
C ASN B 119 -18.84 24.63 39.11
N PRO B 120 -19.74 25.39 38.52
CA PRO B 120 -19.34 26.17 37.36
C PRO B 120 -18.31 27.25 37.63
N LYS B 121 -18.18 27.72 38.87
CA LYS B 121 -17.20 28.73 39.28
C LYS B 121 -15.82 28.11 39.35
N HIS B 122 -15.76 26.87 39.84
CA HIS B 122 -14.51 26.09 39.97
C HIS B 122 -14.53 24.70 39.26
N PRO B 123 -14.68 24.70 37.93
CA PRO B 123 -14.83 23.46 37.19
C PRO B 123 -13.55 22.64 37.11
N HIS B 124 -13.68 21.42 36.63
CA HIS B 124 -12.54 20.54 36.32
C HIS B 124 -11.48 21.30 35.53
N ASN B 125 -10.25 21.06 35.90
CA ASN B 125 -9.11 21.79 35.27
C ASN B 125 -8.98 21.67 33.72
N TRP B 126 -9.53 20.58 33.20
CA TRP B 126 -9.55 20.31 31.78
C TRP B 126 -10.75 20.92 31.08
N ALA B 127 -11.75 21.37 31.83
CA ALA B 127 -13.01 21.90 31.23
C ALA B 127 -12.93 23.32 30.72
N GLY B 128 -11.92 24.05 31.10
CA GLY B 128 -11.86 25.49 30.84
C GLY B 128 -12.89 26.30 31.62
N LYS B 129 -12.77 27.61 31.64
CA LYS B 129 -13.62 28.50 32.40
C LYS B 129 -15.06 28.47 31.96
N GLU B 130 -15.29 28.41 30.67
CA GLU B 130 -16.62 28.36 30.15
C GLU B 130 -16.80 27.19 29.21
N ARG B 131 -18.03 26.96 28.84
CA ARG B 131 -18.40 25.91 27.94
C ARG B 131 -17.57 25.95 26.68
N TRP B 132 -17.23 24.76 26.19
CA TRP B 132 -16.52 24.47 24.96
C TRP B 132 -15.13 24.99 24.62
N VAL B 133 -14.58 25.89 25.39
CA VAL B 133 -13.28 26.47 25.08
C VAL B 133 -12.12 25.51 25.07
N ALA B 134 -12.18 24.45 25.85
CA ALA B 134 -11.12 23.50 25.91
C ALA B 134 -11.49 22.16 25.27
N VAL B 135 -12.51 22.15 24.43
CA VAL B 135 -13.01 20.96 23.79
C VAL B 135 -11.97 20.32 22.83
N GLU B 136 -11.23 21.14 22.13
CA GLU B 136 -10.18 20.63 21.23
C GLU B 136 -8.94 20.26 22.01
N ASN B 137 -8.95 20.46 23.33
CA ASN B 137 -7.88 19.99 24.19
C ASN B 137 -8.38 18.69 24.84
N LEU B 138 -8.72 18.73 26.12
CA LEU B 138 -9.15 17.57 26.90
C LEU B 138 -10.47 17.81 27.67
N SER B 139 -11.31 18.75 27.26
CA SER B 139 -12.60 18.86 28.03
C SER B 139 -13.42 17.56 27.95
N HIS B 140 -13.31 16.85 26.81
CA HIS B 140 -14.16 15.70 26.49
C HIS B 140 -15.68 15.99 26.42
N GLU B 141 -16.10 17.25 26.28
CA GLU B 141 -17.54 17.55 26.10
C GLU B 141 -18.17 16.78 24.94
N PHE B 142 -17.52 16.74 23.76
CA PHE B 142 -18.13 16.00 22.64
C PHE B 142 -17.97 14.46 22.75
N TYR B 143 -16.89 14.04 23.35
CA TYR B 143 -16.70 12.65 23.70
C TYR B 143 -17.77 12.16 24.68
N ASN B 144 -18.06 12.96 25.70
CA ASN B 144 -19.24 12.64 26.56
C ASN B 144 -20.55 12.55 25.75
N LEU B 145 -20.74 13.45 24.76
CA LEU B 145 -21.90 13.34 23.90
C LEU B 145 -21.92 12.01 23.14
N GLY B 146 -20.76 11.61 22.62
CA GLY B 146 -20.71 10.44 21.77
C GLY B 146 -21.16 9.22 22.56
N HIS B 147 -20.52 8.99 23.67
CA HIS B 147 -20.90 7.82 24.48
C HIS B 147 -22.31 7.90 25.07
N MET B 148 -22.80 9.10 25.34
CA MET B 148 -24.19 9.30 25.78
C MET B 148 -25.18 8.82 24.72
N ILE B 149 -24.93 9.18 23.48
CA ILE B 149 -25.78 8.76 22.38
C ILE B 149 -25.79 7.25 22.20
N GLU B 150 -24.61 6.67 22.23
CA GLU B 150 -24.46 5.28 21.95
C GLU B 150 -25.15 4.43 23.04
N GLY B 151 -25.01 4.87 24.28
CA GLY B 151 -25.76 4.28 25.35
C GLY B 151 -27.25 4.41 25.22
N ALA B 152 -27.70 5.61 24.88
CA ALA B 152 -29.12 5.91 24.84
C ALA B 152 -29.84 5.18 23.73
N VAL B 153 -29.28 5.19 22.51
CA VAL B 153 -29.82 4.42 21.40
C VAL B 153 -29.89 2.92 21.74
N ALA B 154 -28.90 2.36 22.41
CA ALA B 154 -28.94 0.97 22.83
C ALA B 154 -30.07 0.74 23.84
N HIS B 155 -30.21 1.62 24.83
CA HIS B 155 -31.27 1.55 25.82
C HIS B 155 -32.65 1.64 25.18
N TYR B 156 -32.82 2.59 24.27
CA TYR B 156 -34.06 2.71 23.52
C TYR B 156 -34.38 1.42 22.73
N GLN B 157 -33.41 0.90 21.98
CA GLN B 157 -33.67 -0.34 21.22
C GLN B 157 -34.05 -1.52 22.10
N ALA B 158 -33.54 -1.53 23.33
CA ALA B 158 -33.78 -2.65 24.24
C ALA B 158 -35.09 -2.52 25.01
N THR B 159 -35.57 -1.32 25.23
CA THR B 159 -36.71 -1.08 26.12
C THR B 159 -37.94 -0.40 25.51
N GLY B 160 -37.83 0.13 24.28
CA GLY B 160 -38.85 1.00 23.73
C GLY B 160 -39.12 2.26 24.53
N LYS B 161 -38.28 2.61 25.49
CA LYS B 161 -38.50 3.78 26.32
C LYS B 161 -37.47 4.79 25.94
N ARG B 162 -37.87 6.03 26.09
CA ARG B 162 -37.10 7.18 25.78
C ARG B 162 -36.48 7.90 26.98
N ASN B 163 -36.39 7.25 28.12
CA ASN B 163 -35.79 7.90 29.27
C ASN B 163 -34.31 8.15 29.15
N PHE B 164 -33.61 7.38 28.35
CA PHE B 164 -32.21 7.65 28.11
C PHE B 164 -32.09 8.49 26.82
N LEU B 165 -32.74 8.09 25.76
CA LEU B 165 -32.70 8.78 24.47
C LEU B 165 -32.99 10.26 24.51
N ASP B 166 -33.97 10.65 25.30
CA ASP B 166 -34.40 12.03 25.44
C ASP B 166 -33.31 12.86 26.04
N ILE B 167 -32.58 12.29 26.98
CA ILE B 167 -31.44 12.95 27.57
C ILE B 167 -30.39 13.23 26.51
N ALA B 168 -30.13 12.22 25.70
CA ALA B 168 -29.09 12.32 24.68
C ALA B 168 -29.57 13.26 23.61
N ILE B 169 -30.86 13.20 23.26
CA ILE B 169 -31.37 14.17 22.29
C ILE B 169 -31.14 15.62 22.78
N LYS B 170 -31.37 15.86 24.07
CA LYS B 170 -31.23 17.21 24.59
C LYS B 170 -29.79 17.74 24.60
N TYR B 171 -28.82 16.89 24.92
CA TYR B 171 -27.42 17.29 24.87
C TYR B 171 -26.98 17.46 23.42
N ALA B 172 -27.42 16.56 22.53
CA ALA B 172 -27.10 16.71 21.11
C ALA B 172 -27.66 18.01 20.55
N ASP B 173 -28.88 18.36 20.93
CA ASP B 173 -29.50 19.60 20.44
C ASP B 173 -28.75 20.79 21.03
N CYS B 174 -28.26 20.65 22.25
CA CYS B 174 -27.42 21.72 22.81
C CYS B 174 -26.15 21.97 22.02
N VAL B 175 -25.43 20.89 21.75
CA VAL B 175 -24.22 20.98 20.96
C VAL B 175 -24.51 21.51 19.55
N CYS B 176 -25.52 20.94 18.87
CA CYS B 176 -25.87 21.37 17.53
C CYS B 176 -26.28 22.85 17.45
N ARG B 177 -26.93 23.40 18.48
CA ARG B 177 -27.25 24.85 18.52
C ARG B 177 -26.03 25.74 18.71
N GLU B 178 -25.09 25.33 19.54
CA GLU B 178 -24.00 26.22 19.95
C GLU B 178 -22.78 26.06 19.08
N ILE B 179 -22.60 24.88 18.50
CA ILE B 179 -21.45 24.53 17.70
C ILE B 179 -21.72 24.37 16.21
N GLY B 180 -21.03 25.11 15.37
CA GLY B 180 -21.21 25.00 13.95
C GLY B 180 -20.67 26.19 13.19
N ASN B 181 -21.06 26.33 11.94
CA ASN B 181 -20.58 27.39 11.05
C ASN B 181 -21.36 28.68 11.00
N GLY B 182 -22.42 28.79 11.77
CA GLY B 182 -23.22 29.99 11.76
C GLY B 182 -22.61 31.16 12.47
N PRO B 183 -23.03 32.34 12.06
CA PRO B 183 -22.54 33.59 12.63
C PRO B 183 -22.73 33.66 14.13
N GLN B 184 -23.65 32.92 14.69
CA GLN B 184 -23.87 32.95 16.13
C GLN B 184 -23.37 31.72 16.87
N GLN B 185 -22.73 30.81 16.19
CA GLN B 185 -22.19 29.64 16.82
C GLN B 185 -20.69 29.73 17.01
N LYS B 186 -20.12 28.64 17.47
CA LYS B 186 -18.68 28.51 17.65
C LYS B 186 -18.16 27.31 16.85
N LYS B 187 -17.10 27.48 16.07
CA LYS B 187 -16.52 26.45 15.23
C LYS B 187 -15.58 25.68 16.17
N TYR B 188 -15.97 24.48 16.58
CA TYR B 188 -15.09 23.56 17.35
C TYR B 188 -15.31 22.14 16.83
N VAL B 189 -14.27 21.31 16.89
CA VAL B 189 -14.36 19.86 16.58
C VAL B 189 -13.99 19.03 17.85
N PRO B 190 -14.18 17.70 17.83
CA PRO B 190 -13.94 16.99 19.10
C PRO B 190 -12.48 16.88 19.39
N GLY B 191 -12.06 17.11 20.64
CA GLY B 191 -10.75 16.79 21.07
C GLY B 191 -10.51 15.29 21.10
N HIS B 192 -11.56 14.51 21.39
CA HIS B 192 -11.54 13.09 21.33
C HIS B 192 -12.73 12.64 20.54
N GLN B 193 -12.42 12.15 19.34
CA GLN B 193 -13.43 11.76 18.39
C GLN B 193 -14.25 10.57 18.89
N ILE B 194 -15.48 10.55 18.45
CA ILE B 194 -16.49 9.55 18.70
C ILE B 194 -17.81 10.16 18.35
N ALA B 195 -17.99 11.42 18.67
CA ALA B 195 -19.23 12.11 18.35
C ALA B 195 -19.72 11.89 16.89
N GLU B 196 -18.78 11.69 15.97
CA GLU B 196 -19.13 11.63 14.58
C GLU B 196 -19.89 10.33 14.32
N MET B 197 -19.33 9.19 14.73
CA MET B 197 -20.07 7.91 14.55
C MET B 197 -21.39 7.89 15.34
N ALA B 198 -21.37 8.52 16.50
CA ALA B 198 -22.53 8.48 17.37
C ALA B 198 -23.65 9.31 16.82
N LEU B 199 -23.33 10.47 16.24
CA LEU B 199 -24.36 11.33 15.67
C LEU B 199 -24.99 10.71 14.42
N VAL B 200 -24.25 9.94 13.66
CA VAL B 200 -24.85 9.24 12.55
C VAL B 200 -25.91 8.29 13.10
N LYS B 201 -25.57 7.61 14.17
CA LYS B 201 -26.45 6.65 14.80
C LYS B 201 -27.71 7.33 15.36
N LEU B 202 -27.57 8.55 15.87
CA LEU B 202 -28.71 9.31 16.41
C LEU B 202 -29.61 9.80 15.27
N TYR B 203 -29.02 10.19 14.16
CA TYR B 203 -29.79 10.45 12.95
C TYR B 203 -30.60 9.22 12.53
N MET B 204 -29.96 8.09 12.49
CA MET B 204 -30.59 6.84 12.12
C MET B 204 -31.77 6.42 13.07
N ALA B 205 -31.69 6.71 14.38
CA ALA B 205 -32.81 6.47 15.29
C ALA B 205 -33.87 7.51 15.33
N THR B 206 -33.58 8.77 14.99
CA THR B 206 -34.59 9.84 15.07
C THR B 206 -35.13 10.38 13.74
N GLY B 207 -34.44 10.09 12.65
CA GLY B 207 -34.63 10.82 11.41
C GLY B 207 -34.32 12.32 11.37
N ASP B 208 -33.58 12.83 12.35
CA ASP B 208 -33.24 14.22 12.44
C ASP B 208 -31.89 14.46 11.74
N LYS B 209 -31.97 14.93 10.51
CA LYS B 209 -30.84 15.07 9.67
C LYS B 209 -29.81 16.10 10.22
N LYS B 210 -30.22 16.99 11.12
CA LYS B 210 -29.27 17.89 11.71
C LYS B 210 -28.14 17.15 12.45
N TYR B 211 -28.36 15.93 12.91
CA TYR B 211 -27.35 15.18 13.59
C TYR B 211 -26.33 14.70 12.58
N LEU B 212 -26.76 14.29 11.40
CA LEU B 212 -25.82 13.95 10.33
C LEU B 212 -25.03 15.17 9.87
N ASP B 213 -25.70 16.33 9.74
CA ASP B 213 -24.95 17.53 9.32
C ASP B 213 -23.85 17.85 10.37
N GLN B 214 -24.10 17.56 11.65
CA GLN B 214 -23.16 17.87 12.74
C GLN B 214 -21.97 16.91 12.70
N ALA B 215 -22.25 15.65 12.41
CA ALA B 215 -21.20 14.69 12.26
C ALA B 215 -20.31 15.08 11.12
N LYS B 216 -20.90 15.52 10.02
CA LYS B 216 -20.13 15.87 8.83
C LYS B 216 -19.34 17.18 9.06
N PHE B 217 -19.95 18.13 9.75
CA PHE B 217 -19.25 19.32 10.15
C PHE B 217 -18.00 18.99 11.05
N PHE B 218 -18.14 18.02 11.96
CA PHE B 218 -17.05 17.64 12.86
C PHE B 218 -15.91 17.02 12.05
N LEU B 219 -16.20 16.15 11.09
CA LEU B 219 -15.13 15.58 10.20
C LEU B 219 -14.47 16.63 9.25
N ASP B 220 -15.31 17.39 8.57
CA ASP B 220 -14.85 18.31 7.55
C ASP B 220 -14.13 19.53 8.07
N THR B 221 -14.34 19.87 9.32
CA THR B 221 -13.70 21.00 9.92
C THR B 221 -12.34 20.63 10.52
N ARG B 222 -12.17 19.38 10.89
CA ARG B 222 -10.92 18.92 11.50
C ARG B 222 -9.75 19.19 10.59
N GLY B 223 -8.71 19.76 11.16
CA GLY B 223 -7.52 20.13 10.43
C GLY B 223 -7.54 21.56 9.94
N TYR B 224 -8.59 22.29 10.22
CA TYR B 224 -8.71 23.67 9.84
C TYR B 224 -9.00 24.57 11.03
N THR B 225 -8.63 24.18 12.23
CA THR B 225 -8.85 25.01 13.45
C THR B 225 -7.48 25.35 13.97
N SER B 226 -7.41 26.05 15.08
CA SER B 226 -6.10 26.42 15.67
C SER B 226 -5.31 25.21 16.16
N ARG B 227 -6.02 24.18 16.65
CA ARG B 227 -5.35 22.96 17.15
C ARG B 227 -5.02 21.93 16.02
N LYS B 228 -3.79 22.01 15.47
CA LYS B 228 -3.26 21.09 14.45
C LYS B 228 -2.38 19.93 15.00
N ASP B 229 -2.82 19.37 16.13
CA ASP B 229 -2.10 18.33 16.83
C ASP B 229 -2.22 16.94 16.19
N THR B 230 -1.11 16.26 16.13
CA THR B 230 -1.05 14.92 15.62
C THR B 230 -1.71 13.91 16.61
N TYR B 231 -1.60 14.19 17.89
CA TYR B 231 -2.18 13.42 18.96
C TYR B 231 -3.65 13.10 18.69
N SER B 232 -4.42 14.08 18.23
CA SER B 232 -5.79 13.87 17.90
C SER B 232 -6.10 13.90 16.39
N GLN B 233 -5.10 13.60 15.56
CA GLN B 233 -5.29 13.51 14.13
C GLN B 233 -5.98 14.76 13.52
N ALA B 234 -5.57 15.90 14.01
CA ALA B 234 -5.98 17.19 13.53
C ALA B 234 -4.84 17.95 12.85
N HIS B 235 -3.79 17.24 12.51
CA HIS B 235 -2.63 17.80 11.84
C HIS B 235 -2.88 18.18 10.37
N LYS B 236 -3.82 17.50 9.75
CA LYS B 236 -4.23 17.72 8.38
C LYS B 236 -5.72 17.48 8.24
N PRO B 237 -6.32 17.92 7.15
CA PRO B 237 -7.72 17.61 6.91
C PRO B 237 -7.85 16.09 6.81
N VAL B 238 -8.93 15.60 7.34
CA VAL B 238 -9.26 14.21 7.42
C VAL B 238 -9.14 13.42 6.13
N VAL B 239 -9.57 13.98 5.01
CA VAL B 239 -9.46 13.30 3.73
C VAL B 239 -8.04 13.28 3.15
N GLU B 240 -7.13 14.04 3.70
CA GLU B 240 -5.77 14.08 3.27
C GLU B 240 -4.88 13.21 4.15
N GLN B 241 -5.42 12.55 5.17
CA GLN B 241 -4.62 11.65 6.02
C GLN B 241 -4.36 10.34 5.35
N ASP B 242 -3.13 9.89 5.43
CA ASP B 242 -2.74 8.61 4.84
C ASP B 242 -1.99 7.68 5.75
N GLU B 243 -1.73 8.08 7.01
CA GLU B 243 -0.98 7.24 7.97
C GLU B 243 -1.68 7.35 9.29
N ALA B 244 -1.65 6.26 10.05
CA ALA B 244 -2.17 6.23 11.42
C ALA B 244 -1.16 6.88 12.35
N VAL B 245 -1.57 7.97 12.98
CA VAL B 245 -0.72 8.69 13.90
C VAL B 245 -1.50 9.05 15.15
N GLY B 246 -0.78 9.33 16.23
CA GLY B 246 -1.40 9.82 17.44
C GLY B 246 -2.15 8.74 18.25
N HIS B 247 -2.98 9.22 19.15
CA HIS B 247 -3.68 8.38 20.11
C HIS B 247 -4.48 7.38 19.32
N ALA B 248 -4.29 6.10 19.65
CA ALA B 248 -4.82 5.01 18.88
C ALA B 248 -6.30 4.96 18.88
N VAL B 249 -6.90 5.19 20.02
CA VAL B 249 -8.33 5.13 20.18
C VAL B 249 -8.99 6.27 19.44
N ARG B 250 -8.41 7.44 19.59
CA ARG B 250 -8.88 8.61 18.87
C ARG B 250 -8.86 8.32 17.35
N ALA B 251 -7.75 7.78 16.88
CA ALA B 251 -7.63 7.45 15.51
C ALA B 251 -8.73 6.51 15.00
N VAL B 252 -8.90 5.34 15.59
CA VAL B 252 -9.89 4.37 15.13
C VAL B 252 -11.32 4.82 15.29
N TYR B 253 -11.63 5.47 16.38
CA TYR B 253 -12.98 6.07 16.53
C TYR B 253 -13.25 7.07 15.39
N MET B 254 -12.29 7.95 15.08
CA MET B 254 -12.41 8.82 13.92
C MET B 254 -12.59 8.04 12.58
N TYR B 255 -11.80 7.01 12.35
CA TYR B 255 -11.88 6.28 11.06
C TYR B 255 -13.22 5.55 10.87
N SER B 256 -13.77 5.03 11.96
CA SER B 256 -15.09 4.46 11.97
C SER B 256 -16.12 5.52 11.68
N GLY B 257 -15.99 6.70 12.30
CA GLY B 257 -16.93 7.82 12.00
C GLY B 257 -16.82 8.27 10.51
N MET B 258 -15.60 8.25 9.99
CA MET B 258 -15.39 8.61 8.61
C MET B 258 -16.19 7.57 7.74
N ALA B 259 -16.08 6.27 8.07
CA ALA B 259 -16.79 5.26 7.30
C ALA B 259 -18.30 5.39 7.33
N ASP B 260 -18.84 5.64 8.50
CA ASP B 260 -20.30 5.84 8.67
C ASP B 260 -20.84 7.04 7.87
N VAL B 261 -20.15 8.18 7.91
CA VAL B 261 -20.57 9.39 7.21
C VAL B 261 -20.42 9.09 5.72
N ALA B 262 -19.29 8.50 5.33
CA ALA B 262 -19.09 8.11 3.94
C ALA B 262 -20.20 7.28 3.40
N ALA B 263 -20.55 6.22 4.11
CA ALA B 263 -21.59 5.27 3.62
C ALA B 263 -22.95 5.88 3.56
N ILE B 264 -23.29 6.69 4.56
CA ILE B 264 -24.64 7.18 4.61
C ILE B 264 -24.79 8.40 3.71
N THR B 265 -23.73 9.12 3.38
CA THR B 265 -23.86 10.20 2.39
C THR B 265 -23.40 9.83 0.97
N GLY B 266 -22.92 8.60 0.73
CA GLY B 266 -22.38 8.14 -0.57
C GLY B 266 -21.16 8.91 -1.08
N ASP B 267 -20.30 9.30 -0.14
CA ASP B 267 -19.15 10.14 -0.40
C ASP B 267 -17.91 9.27 -0.18
N SER B 268 -17.22 8.97 -1.28
CA SER B 268 -16.06 8.10 -1.28
C SER B 268 -14.76 8.82 -0.84
N SER B 269 -14.78 10.15 -0.65
CA SER B 269 -13.55 10.88 -0.27
C SER B 269 -12.91 10.37 1.07
N TYR B 270 -13.78 10.08 2.03
CA TYR B 270 -13.34 9.64 3.35
C TYR B 270 -12.85 8.19 3.21
N ILE B 271 -13.46 7.44 2.33
CA ILE B 271 -13.08 6.04 2.12
C ILE B 271 -11.70 5.99 1.50
N LYS B 272 -11.38 6.87 0.54
CA LYS B 272 -10.04 6.86 -0.10
C LYS B 272 -8.99 7.04 0.98
N ALA B 273 -9.24 7.92 1.94
CA ALA B 273 -8.35 8.17 3.06
C ALA B 273 -8.24 6.99 4.06
N ILE B 274 -9.35 6.46 4.54
CA ILE B 274 -9.26 5.28 5.45
C ILE B 274 -8.58 4.03 4.87
N ASP B 275 -8.79 3.80 3.59
CA ASP B 275 -8.16 2.68 2.85
C ASP B 275 -6.67 2.83 2.94
N LYS B 276 -6.14 4.02 2.72
CA LYS B 276 -4.69 4.20 2.84
C LYS B 276 -4.19 4.04 4.28
N ILE B 277 -4.92 4.66 5.21
CA ILE B 277 -4.60 4.57 6.65
C ILE B 277 -4.61 3.13 7.15
N TRP B 278 -5.64 2.38 6.76
CA TRP B 278 -5.71 0.98 7.04
C TRP B 278 -4.53 0.21 6.50
N ASP B 279 -4.12 0.48 5.27
CA ASP B 279 -2.90 -0.15 4.68
C ASP B 279 -1.68 0.16 5.53
N ASN B 280 -1.59 1.37 6.05
CA ASN B 280 -0.48 1.73 6.93
C ASN B 280 -0.55 0.96 8.25
N ILE B 281 -1.73 0.85 8.84
CA ILE B 281 -1.86 0.10 10.07
C ILE B 281 -1.40 -1.37 9.95
N VAL B 282 -1.92 -2.10 8.98
CA VAL B 282 -1.71 -3.54 8.94
C VAL B 282 -0.34 -3.93 8.34
N SER B 283 0.19 -3.07 7.49
CA SER B 283 1.49 -3.33 6.90
C SER B 283 2.63 -2.74 7.74
N LYS B 284 2.36 -1.79 8.62
CA LYS B 284 3.45 -1.16 9.37
C LYS B 284 3.30 -0.96 10.89
N LYS B 285 2.08 -1.03 11.45
CA LYS B 285 1.87 -0.57 12.84
C LYS B 285 0.95 -1.46 13.65
N ILE B 286 0.83 -2.75 13.32
CA ILE B 286 -0.02 -3.61 14.08
C ILE B 286 0.80 -4.74 14.67
N TYR B 287 0.53 -5.00 15.97
CA TYR B 287 1.20 -6.07 16.66
C TYR B 287 0.59 -7.37 16.24
N ILE B 288 1.33 -8.46 16.43
CA ILE B 288 0.90 -9.82 16.07
C ILE B 288 -0.30 -10.26 16.86
N THR B 289 -0.53 -9.62 18.00
CA THR B 289 -1.78 -9.81 18.77
C THR B 289 -2.98 -9.06 18.20
N GLY B 290 -2.78 -8.32 17.11
CA GLY B 290 -3.82 -7.43 16.60
C GLY B 290 -4.07 -6.17 17.42
N GLY B 291 -3.18 -5.88 18.34
CA GLY B 291 -3.29 -4.67 19.14
C GLY B 291 -2.64 -3.53 18.44
N ILE B 292 -3.03 -2.32 18.79
CA ILE B 292 -2.48 -1.13 18.16
C ILE B 292 -2.16 -0.06 19.17
N GLY B 293 -1.05 0.64 18.93
CA GLY B 293 -0.56 1.65 19.79
C GLY B 293 0.68 1.14 20.48
N ALA B 294 1.80 1.74 20.15
CA ALA B 294 3.09 1.28 20.58
C ALA B 294 3.66 2.02 21.76
N HIS B 295 3.21 3.24 22.03
CA HIS B 295 3.85 4.12 23.03
C HIS B 295 2.97 4.52 24.17
N HIS B 296 3.53 4.45 25.38
CA HIS B 296 2.84 5.00 26.56
C HIS B 296 2.59 6.53 26.44
N ALA B 297 3.58 7.26 25.93
CA ALA B 297 3.52 8.72 25.75
C ALA B 297 2.54 9.01 24.62
N GLY B 298 1.41 9.61 24.93
CA GLY B 298 0.33 9.80 23.94
C GLY B 298 -0.59 8.61 23.71
N GLU B 299 -0.31 7.47 24.36
CA GLU B 299 -1.12 6.26 24.15
C GLU B 299 -1.32 5.98 22.64
N ALA B 300 -0.22 6.06 21.88
CA ALA B 300 -0.16 6.45 20.45
C ALA B 300 0.52 5.45 19.54
N PHE B 301 0.11 5.46 18.28
CA PHE B 301 0.89 4.84 17.24
C PHE B 301 2.29 5.40 17.25
N GLY B 302 3.27 4.53 17.08
CA GLY B 302 4.62 4.98 16.84
C GLY B 302 4.88 5.11 15.34
N ASN B 303 6.15 5.09 14.99
CA ASN B 303 6.57 5.11 13.58
C ASN B 303 6.33 3.77 12.93
N ASN B 304 6.39 3.78 11.60
CA ASN B 304 6.36 2.59 10.80
C ASN B 304 7.37 1.55 11.36
N TYR B 305 6.93 0.29 11.47
CA TYR B 305 7.78 -0.84 11.90
C TYR B 305 8.29 -0.81 13.37
N GLU B 306 7.77 0.15 14.17
CA GLU B 306 8.22 0.37 15.54
C GLU B 306 7.24 -0.37 16.46
N LEU B 307 7.59 -1.61 16.83
CA LEU B 307 6.71 -2.49 17.60
C LEU B 307 7.46 -3.12 18.81
N PRO B 308 7.92 -2.27 19.75
CA PRO B 308 8.56 -2.78 20.97
C PRO B 308 7.61 -3.61 21.79
N ASN B 309 8.11 -4.64 22.48
CA ASN B 309 7.18 -5.62 23.11
C ASN B 309 6.79 -5.35 24.56
N LEU B 310 7.79 -5.13 25.41
CA LEU B 310 7.54 -4.89 26.82
C LEU B 310 6.81 -3.57 27.02
N SER B 311 7.15 -2.55 26.22
CA SER B 311 6.54 -1.22 26.38
C SER B 311 5.36 -0.98 25.43
N ALA B 312 4.93 -2.02 24.70
CA ALA B 312 3.75 -1.95 23.87
C ALA B 312 2.53 -1.46 24.68
N TYR B 313 1.76 -0.56 24.06
CA TYR B 313 0.59 0.01 24.75
C TYR B 313 -0.66 -0.85 24.48
N CYS B 314 -1.10 -0.93 23.21
CA CYS B 314 -2.14 -1.91 22.83
C CYS B 314 -3.29 -1.90 23.81
N GLU B 315 -3.75 -0.69 24.08
CA GLU B 315 -4.93 -0.44 24.90
C GLU B 315 -6.15 -1.28 24.56
N THR B 316 -6.84 -1.82 25.56
CA THR B 316 -8.01 -2.60 25.30
C THR B 316 -9.01 -1.80 24.50
N CYS B 317 -9.18 -0.53 24.81
CA CYS B 317 -10.09 0.37 24.07
C CYS B 317 -9.72 0.45 22.57
N ALA B 318 -8.43 0.44 22.29
CA ALA B 318 -7.93 0.55 20.92
C ALA B 318 -8.24 -0.72 20.11
N ALA B 319 -8.27 -1.86 20.81
CA ALA B 319 -8.44 -3.13 20.17
C ALA B 319 -9.87 -3.14 19.74
N ILE B 320 -10.72 -2.73 20.67
CA ILE B 320 -12.14 -2.62 20.42
C ILE B 320 -12.36 -1.70 19.21
N GLY B 321 -11.70 -0.54 19.19
CA GLY B 321 -11.84 0.37 18.09
C GLY B 321 -11.35 -0.19 16.77
N ASN B 322 -10.35 -1.07 16.81
CA ASN B 322 -9.84 -1.72 15.60
C ASN B 322 -10.84 -2.65 15.04
N VAL B 323 -11.52 -3.37 15.92
CA VAL B 323 -12.66 -4.18 15.47
C VAL B 323 -13.75 -3.31 14.82
N TYR B 324 -14.11 -2.19 15.44
CA TYR B 324 -15.12 -1.29 14.87
C TYR B 324 -14.71 -0.84 13.45
N MET B 325 -13.44 -0.49 13.29
CA MET B 325 -12.97 0.02 12.03
C MET B 325 -12.96 -1.09 10.96
N ASN B 326 -12.36 -2.24 11.32
CA ASN B 326 -12.24 -3.32 10.35
C ASN B 326 -13.62 -3.90 9.95
N TYR B 327 -14.60 -3.87 10.85
CA TYR B 327 -15.89 -4.34 10.51
C TYR B 327 -16.54 -3.42 9.44
N ARG B 328 -16.41 -2.10 9.60
CA ARG B 328 -17.00 -1.17 8.68
C ARG B 328 -16.31 -1.23 7.30
N LEU B 329 -14.99 -1.44 7.30
CA LEU B 329 -14.30 -1.68 6.05
C LEU B 329 -14.78 -2.94 5.32
N PHE B 330 -15.13 -3.98 6.09
CA PHE B 330 -15.76 -5.13 5.54
C PHE B 330 -17.13 -4.77 4.91
N LEU B 331 -17.94 -4.01 5.62
CA LEU B 331 -19.23 -3.64 5.08
C LEU B 331 -19.12 -2.83 3.78
N LEU B 332 -18.05 -2.05 3.67
CA LEU B 332 -17.78 -1.27 2.49
C LEU B 332 -17.26 -2.10 1.32
N HIS B 333 -16.38 -3.07 1.60
CA HIS B 333 -15.56 -3.70 0.56
C HIS B 333 -15.91 -5.19 0.29
N GLY B 334 -16.48 -5.90 1.24
CA GLY B 334 -16.83 -7.29 1.00
C GLY B 334 -15.61 -8.18 0.81
N ASP B 335 -14.45 -7.79 1.38
CA ASP B 335 -13.24 -8.57 1.33
C ASP B 335 -12.92 -9.14 2.73
N ALA B 336 -12.54 -10.39 2.77
CA ALA B 336 -12.42 -11.09 4.04
C ALA B 336 -11.14 -10.78 4.81
N LYS B 337 -10.20 -10.15 4.11
CA LYS B 337 -8.99 -9.64 4.73
C LYS B 337 -9.30 -8.68 5.92
N TYR B 338 -10.40 -7.95 5.87
CA TYR B 338 -10.81 -7.06 6.96
C TYR B 338 -11.24 -7.86 8.18
N PHE B 339 -11.89 -8.99 7.94
CA PHE B 339 -12.17 -9.93 9.03
C PHE B 339 -10.97 -10.77 9.48
N ASP B 340 -9.96 -10.96 8.63
CA ASP B 340 -8.70 -11.58 9.13
C ASP B 340 -8.04 -10.72 10.19
N VAL B 341 -8.05 -9.41 9.96
CA VAL B 341 -7.48 -8.42 10.90
C VAL B 341 -8.38 -8.37 12.15
N LEU B 342 -9.70 -8.25 11.95
CA LEU B 342 -10.70 -8.28 13.04
C LEU B 342 -10.61 -9.56 13.94
N GLU B 343 -10.61 -10.74 13.32
CA GLU B 343 -10.38 -12.00 14.07
C GLU B 343 -9.08 -11.94 14.92
N ARG B 344 -7.99 -11.50 14.32
CA ARG B 344 -6.70 -11.46 15.01
C ARG B 344 -6.79 -10.59 16.28
N THR B 345 -7.35 -9.39 16.18
CA THR B 345 -7.49 -8.52 17.33
C THR B 345 -8.49 -9.13 18.32
N LEU B 346 -9.63 -9.59 17.85
CA LEU B 346 -10.70 -10.11 18.71
C LEU B 346 -10.29 -11.27 19.62
N TYR B 347 -9.62 -12.25 19.01
CA TYR B 347 -9.21 -13.46 19.74
C TYR B 347 -7.93 -13.28 20.53
N ASN B 348 -7.26 -12.13 20.40
CA ASN B 348 -5.93 -11.94 21.00
C ASN B 348 -5.83 -10.68 21.83
N GLY B 349 -5.48 -9.54 21.24
CA GLY B 349 -5.36 -8.29 21.96
C GLY B 349 -6.60 -7.64 22.50
N LEU B 350 -7.79 -8.11 22.10
CA LEU B 350 -9.02 -7.53 22.61
C LEU B 350 -9.36 -8.31 23.94
N ILE B 351 -9.52 -9.60 23.79
CA ILE B 351 -9.91 -10.42 24.89
C ILE B 351 -8.87 -10.61 26.00
N SER B 352 -7.59 -10.46 25.67
CA SER B 352 -6.53 -10.37 26.65
C SER B 352 -6.80 -9.32 27.68
N GLY B 353 -7.58 -8.30 27.30
CA GLY B 353 -7.97 -7.21 28.19
C GLY B 353 -9.09 -7.39 29.22
N VAL B 354 -9.75 -8.53 29.18
CA VAL B 354 -10.69 -8.90 30.20
C VAL B 354 -10.39 -10.31 30.70
N SER B 355 -10.42 -10.51 32.05
CA SER B 355 -10.26 -11.89 32.58
C SER B 355 -11.42 -12.82 32.14
N LEU B 356 -11.08 -14.08 31.93
CA LEU B 356 -12.05 -15.15 31.79
C LEU B 356 -13.29 -15.07 32.72
N ASP B 357 -13.09 -14.78 33.98
CA ASP B 357 -14.24 -14.66 34.89
C ASP B 357 -15.00 -13.35 34.77
N GLY B 358 -14.38 -12.33 34.15
CA GLY B 358 -15.07 -11.10 33.80
C GLY B 358 -14.95 -10.02 34.85
N GLY B 359 -14.15 -10.27 35.89
CA GLY B 359 -14.05 -9.35 37.06
C GLY B 359 -12.81 -8.48 37.14
N SER B 360 -11.95 -8.54 36.13
CA SER B 360 -10.75 -7.72 36.10
C SER B 360 -10.31 -7.47 34.64
N PHE B 361 -9.47 -6.47 34.46
CA PHE B 361 -9.23 -5.86 33.12
C PHE B 361 -7.79 -5.33 32.98
N PHE B 362 -7.38 -5.20 31.75
CA PHE B 362 -6.14 -4.60 31.39
C PHE B 362 -6.46 -3.30 30.66
N TYR B 363 -5.62 -2.33 30.88
CA TYR B 363 -5.69 -1.06 30.20
C TYR B 363 -4.69 -1.35 29.08
N PRO B 364 -3.39 -1.36 29.31
CA PRO B 364 -2.43 -1.74 28.27
C PRO B 364 -2.28 -3.26 28.16
N ASN B 365 -2.05 -3.74 26.97
CA ASN B 365 -1.88 -5.17 26.74
C ASN B 365 -0.53 -5.41 26.08
N PRO B 366 0.51 -5.53 26.87
CA PRO B 366 1.87 -5.70 26.37
C PRO B 366 2.13 -7.11 25.85
N LEU B 367 3.22 -7.26 25.07
CA LEU B 367 3.59 -8.53 24.44
C LEU B 367 4.75 -9.15 25.23
N SER B 368 5.07 -8.57 26.37
CA SER B 368 6.05 -9.20 27.24
C SER B 368 5.77 -8.75 28.67
N SER B 369 6.31 -9.47 29.64
CA SER B 369 6.27 -9.04 31.06
C SER B 369 7.55 -9.42 31.77
N ASN B 370 8.02 -8.50 32.59
CA ASN B 370 9.04 -8.74 33.61
C ASN B 370 8.43 -8.86 35.06
N GLY B 371 7.15 -9.19 35.21
CA GLY B 371 6.49 -9.17 36.53
C GLY B 371 5.77 -7.87 36.85
N LYS B 372 5.13 -7.84 38.01
CA LYS B 372 4.49 -6.65 38.53
C LYS B 372 3.36 -6.13 37.67
N TYR B 373 2.72 -6.99 36.87
CA TYR B 373 1.63 -6.57 36.00
C TYR B 373 0.54 -7.59 35.95
N SER B 374 -0.65 -7.16 36.36
CA SER B 374 -1.84 -8.03 36.38
C SER B 374 -3.13 -7.23 36.28
N ARG B 375 -4.20 -7.94 35.96
CA ARG B 375 -5.47 -7.32 35.65
C ARG B 375 -6.08 -6.70 36.92
N LYS B 376 -6.90 -5.64 36.78
CA LYS B 376 -7.54 -5.03 37.93
C LYS B 376 -9.06 -4.95 37.70
N PRO B 377 -9.86 -4.92 38.79
CA PRO B 377 -11.30 -4.72 38.65
C PRO B 377 -11.77 -3.36 38.16
N TRP B 378 -11.01 -2.30 38.37
CA TRP B 378 -11.35 -0.96 37.91
C TRP B 378 -10.07 -0.17 37.89
N PHE B 379 -10.14 1.08 37.46
CA PHE B 379 -8.97 1.99 37.39
C PHE B 379 -9.54 3.38 37.59
N GLY B 380 -8.66 4.33 37.88
CA GLY B 380 -9.00 5.73 37.96
C GLY B 380 -9.61 6.18 36.65
N CYS B 381 -8.94 5.80 35.54
CA CYS B 381 -9.46 6.00 34.23
C CYS B 381 -9.97 4.63 33.80
N ALA B 382 -11.31 4.49 33.81
CA ALA B 382 -11.95 3.23 33.58
C ALA B 382 -12.51 3.06 32.16
N CYS B 383 -11.86 3.67 31.17
CA CYS B 383 -12.34 3.57 29.76
C CYS B 383 -12.37 2.12 29.23
N CYS B 384 -11.32 1.40 29.57
CA CYS B 384 -11.18 0.01 29.16
C CYS B 384 -12.39 -0.76 29.72
N PRO B 385 -12.43 -1.04 31.03
CA PRO B 385 -13.53 -1.84 31.58
C PRO B 385 -14.91 -1.42 31.09
N SER B 386 -15.22 -0.13 31.01
CA SER B 386 -16.57 0.24 30.56
C SER B 386 -16.75 -0.06 29.07
N ASN B 387 -15.66 -0.06 28.32
CA ASN B 387 -15.67 -0.35 26.89
C ASN B 387 -15.92 -1.84 26.69
N VAL B 388 -15.18 -2.65 27.42
CA VAL B 388 -15.38 -4.10 27.45
C VAL B 388 -16.81 -4.47 27.80
N SER B 389 -17.37 -3.78 28.78
CA SER B 389 -18.77 -3.95 29.16
C SER B 389 -19.75 -3.78 28.00
N ARG B 390 -19.48 -2.81 27.13
CA ARG B 390 -20.35 -2.59 26.00
C ARG B 390 -19.98 -3.45 24.79
N PHE B 391 -18.77 -3.95 24.72
CA PHE B 391 -18.40 -4.69 23.54
C PHE B 391 -18.88 -6.15 23.53
N ILE B 392 -18.60 -6.88 24.61
CA ILE B 392 -18.77 -8.36 24.64
C ILE B 392 -20.21 -8.81 24.31
N PRO B 393 -21.22 -8.13 24.87
CA PRO B 393 -22.58 -8.65 24.55
C PRO B 393 -23.00 -8.41 23.10
N SER B 394 -22.30 -7.53 22.40
CA SER B 394 -22.58 -7.25 21.00
C SER B 394 -21.86 -8.27 20.07
N LEU B 395 -20.95 -9.08 20.63
CA LEU B 395 -20.18 -10.07 19.86
C LEU B 395 -20.92 -10.84 18.76
N PRO B 396 -22.12 -11.39 19.08
CA PRO B 396 -22.79 -12.21 18.05
C PRO B 396 -23.19 -11.44 16.78
N GLY B 397 -23.30 -10.11 16.87
CA GLY B 397 -23.54 -9.29 15.67
C GLY B 397 -22.44 -9.20 14.62
N TYR B 398 -21.31 -9.83 14.87
CA TYR B 398 -20.18 -9.81 13.98
C TYR B 398 -20.03 -11.09 13.23
N VAL B 399 -20.90 -12.06 13.51
CA VAL B 399 -20.76 -13.39 12.94
C VAL B 399 -21.09 -13.43 11.45
N TYR B 400 -22.25 -12.93 11.09
CA TYR B 400 -22.71 -12.96 9.69
C TYR B 400 -22.96 -11.57 9.08
N ALA B 401 -23.14 -11.55 7.77
CA ALA B 401 -23.59 -10.37 7.03
C ALA B 401 -24.39 -10.83 5.78
N VAL B 402 -25.25 -9.94 5.28
CA VAL B 402 -26.15 -10.26 4.16
C VAL B 402 -26.21 -9.12 3.19
N LYS B 403 -25.99 -9.43 1.93
CA LYS B 403 -26.22 -8.49 0.85
C LYS B 403 -27.11 -9.20 -0.21
N ASN B 404 -28.41 -8.93 -0.14
CA ASN B 404 -29.40 -9.50 -1.04
C ASN B 404 -29.37 -11.03 -0.93
N ASP B 405 -28.78 -11.69 -1.94
CA ASP B 405 -28.73 -13.14 -2.03
C ASP B 405 -27.31 -13.64 -1.72
N GLN B 406 -26.49 -12.82 -1.03
CA GLN B 406 -25.14 -13.17 -0.61
C GLN B 406 -25.12 -13.22 0.92
N VAL B 407 -24.82 -14.39 1.50
CA VAL B 407 -24.73 -14.57 2.91
C VAL B 407 -23.25 -14.77 3.23
N TYR B 408 -22.70 -13.92 4.12
CA TYR B 408 -21.29 -13.97 4.50
C TYR B 408 -21.19 -14.67 5.83
N VAL B 409 -20.31 -15.66 5.87
CA VAL B 409 -19.97 -16.32 7.11
C VAL B 409 -18.58 -15.83 7.49
N ASN B 410 -18.56 -14.95 8.50
CA ASN B 410 -17.32 -14.19 8.81
C ASN B 410 -16.59 -14.75 10.00
N LEU B 411 -17.35 -15.23 10.97
CA LEU B 411 -16.74 -15.81 12.15
C LEU B 411 -17.26 -17.22 12.35
N TYR B 412 -16.39 -18.07 12.84
CA TYR B 412 -16.70 -19.46 13.06
C TYR B 412 -16.77 -19.83 14.53
N LEU B 413 -17.96 -20.18 14.97
CA LEU B 413 -18.28 -20.58 16.31
C LEU B 413 -19.65 -21.24 16.33
N SER B 414 -19.90 -22.10 17.30
CA SER B 414 -21.17 -22.76 17.39
C SER B 414 -22.26 -21.76 17.70
N ASN B 415 -23.27 -21.75 16.87
CA ASN B 415 -24.39 -20.88 17.01
C ASN B 415 -25.56 -21.28 16.15
N LYS B 416 -26.73 -20.80 16.54
CA LYS B 416 -27.96 -20.86 15.72
C LYS B 416 -28.36 -19.43 15.34
N ALA B 417 -28.43 -19.19 14.03
CA ALA B 417 -28.71 -17.88 13.46
C ALA B 417 -30.02 -17.92 12.73
N GLU B 418 -30.82 -16.85 12.84
CA GLU B 418 -31.91 -16.53 11.87
C GLU B 418 -31.53 -15.35 10.92
N LEU B 419 -31.59 -15.61 9.62
CA LEU B 419 -31.17 -14.68 8.61
C LEU B 419 -32.36 -14.34 7.73
N LYS B 420 -32.39 -13.08 7.30
CA LYS B 420 -33.32 -12.60 6.27
C LYS B 420 -32.52 -12.45 4.94
N VAL B 421 -32.93 -13.25 3.94
CA VAL B 421 -32.27 -13.41 2.64
C VAL B 421 -33.34 -13.26 1.52
N ASP B 422 -33.21 -12.22 0.70
CA ASP B 422 -34.27 -11.76 -0.22
C ASP B 422 -35.64 -12.02 0.36
N LYS B 423 -35.86 -11.50 1.56
CA LYS B 423 -37.14 -11.55 2.26
C LYS B 423 -37.59 -12.92 2.81
N LYS B 424 -36.84 -14.02 2.62
CA LYS B 424 -37.22 -15.34 3.21
C LYS B 424 -36.43 -15.71 4.54
N LYS B 425 -37.12 -16.22 5.56
CA LYS B 425 -36.50 -16.76 6.83
C LYS B 425 -35.66 -17.99 6.56
N ILE B 426 -34.40 -17.95 7.01
CA ILE B 426 -33.44 -19.07 6.93
C ILE B 426 -32.88 -19.28 8.32
N LEU B 427 -33.22 -20.39 8.96
CA LEU B 427 -32.58 -20.78 10.21
C LEU B 427 -31.37 -21.61 9.83
N LEU B 428 -30.30 -21.45 10.61
CA LEU B 428 -28.97 -21.93 10.21
C LEU B 428 -28.09 -22.09 11.44
N GLU B 429 -27.39 -23.22 11.54
CA GLU B 429 -26.56 -23.56 12.67
C GLU B 429 -25.11 -23.76 12.24
N GLN B 430 -24.20 -23.29 13.07
CA GLN B 430 -22.82 -23.78 13.03
C GLN B 430 -22.62 -24.70 14.22
N GLU B 431 -21.95 -25.82 13.98
CA GLU B 431 -21.45 -26.66 15.09
C GLU B 431 -19.96 -26.75 14.77
N THR B 432 -19.10 -26.32 15.70
CA THR B 432 -17.63 -26.39 15.49
C THR B 432 -16.88 -26.38 16.82
N GLY B 433 -15.63 -26.80 16.78
CA GLY B 433 -14.76 -26.63 17.98
C GLY B 433 -13.75 -25.48 17.82
N TYR B 434 -13.96 -24.67 16.80
CA TYR B 434 -13.20 -23.44 16.55
C TYR B 434 -13.30 -22.63 17.81
N PRO B 435 -12.20 -22.08 18.34
CA PRO B 435 -10.88 -21.90 17.67
C PRO B 435 -9.84 -22.98 17.94
N TRP B 436 -10.25 -24.06 18.57
CA TRP B 436 -9.35 -25.16 18.93
C TRP B 436 -9.18 -26.21 17.86
N ASN B 437 -10.07 -26.27 16.88
CA ASN B 437 -9.86 -27.09 15.69
C ASN B 437 -10.59 -26.42 14.59
N GLY B 438 -10.31 -26.86 13.38
CA GLY B 438 -10.81 -26.22 12.20
C GLY B 438 -11.92 -26.94 11.48
N ASP B 439 -12.72 -27.72 12.19
CA ASP B 439 -13.77 -28.52 11.60
C ASP B 439 -15.10 -27.85 11.90
N ILE B 440 -15.73 -27.39 10.82
CA ILE B 440 -17.00 -26.71 10.89
C ILE B 440 -18.06 -27.60 10.27
N ARG B 441 -19.26 -27.43 10.75
CA ARG B 441 -20.40 -27.98 10.12
C ARG B 441 -21.50 -26.94 10.19
N LEU B 442 -21.97 -26.55 9.04
CA LEU B 442 -23.12 -25.63 8.93
C LEU B 442 -24.31 -26.30 8.32
N LYS B 443 -25.43 -26.28 9.02
CA LYS B 443 -26.66 -26.82 8.42
C LYS B 443 -27.81 -25.83 8.33
N ILE B 444 -28.54 -25.90 7.23
CA ILE B 444 -29.85 -25.25 7.12
C ILE B 444 -30.86 -26.09 7.89
N THR B 445 -31.54 -25.51 8.89
CA THR B 445 -32.56 -26.23 9.67
C THR B 445 -34.04 -25.85 9.36
N GLN B 446 -34.23 -24.75 8.64
CA GLN B 446 -35.55 -24.28 8.19
C GLN B 446 -35.34 -23.32 7.02
N GLY B 447 -36.37 -23.17 6.20
CA GLY B 447 -36.33 -22.33 4.99
C GLY B 447 -35.93 -23.04 3.71
N ASN B 448 -35.96 -22.27 2.62
CA ASN B 448 -35.83 -22.78 1.24
C ASN B 448 -35.57 -21.56 0.34
N GLN B 449 -34.35 -21.39 -0.16
CA GLN B 449 -33.99 -20.17 -0.90
C GLN B 449 -32.74 -20.36 -1.70
N ASP B 450 -32.67 -19.73 -2.86
CA ASP B 450 -31.47 -19.66 -3.68
C ASP B 450 -30.53 -18.48 -3.22
N PHE B 451 -29.35 -18.83 -2.69
CA PHE B 451 -28.32 -17.85 -2.34
C PHE B 451 -26.89 -18.35 -2.50
N THR B 452 -25.95 -17.42 -2.45
CA THR B 452 -24.53 -17.69 -2.42
C THR B 452 -24.02 -17.58 -0.95
N MET B 453 -23.60 -18.71 -0.37
CA MET B 453 -23.01 -18.74 0.95
C MET B 453 -21.54 -18.44 0.75
N LYS B 454 -21.02 -17.38 1.38
CA LYS B 454 -19.66 -16.96 1.17
C LYS B 454 -18.93 -17.29 2.44
N LEU B 455 -18.02 -18.28 2.33
CA LEU B 455 -17.23 -18.78 3.49
C LEU B 455 -15.90 -18.10 3.56
N ARG B 456 -15.66 -17.38 4.66
CA ARG B 456 -14.35 -16.76 4.80
C ARG B 456 -13.33 -17.88 4.90
N ILE B 457 -12.28 -17.76 4.10
CA ILE B 457 -11.14 -18.66 4.24
C ILE B 457 -10.02 -17.84 4.91
N PRO B 458 -9.81 -18.03 6.23
CA PRO B 458 -8.88 -17.18 6.95
C PRO B 458 -7.54 -17.11 6.26
N GLY B 459 -6.95 -15.92 6.26
CA GLY B 459 -5.61 -15.71 5.73
C GLY B 459 -4.62 -16.73 6.34
N TRP B 460 -4.81 -17.08 7.62
CA TRP B 460 -3.87 -18.01 8.27
C TRP B 460 -3.89 -19.43 7.66
N VAL B 461 -5.00 -19.88 7.12
CA VAL B 461 -5.06 -21.15 6.45
C VAL B 461 -4.57 -21.02 5.00
N ARG B 462 -4.42 -19.81 4.49
CA ARG B 462 -3.95 -19.59 3.13
C ARG B 462 -2.53 -19.11 3.05
N GLY B 463 -1.80 -19.18 4.14
CA GLY B 463 -0.42 -18.72 4.21
C GLY B 463 -0.17 -17.24 4.42
N ASN B 464 -1.18 -16.50 4.81
CA ASN B 464 -1.04 -15.07 5.03
C ASN B 464 -1.20 -14.76 6.51
N VAL B 465 -0.14 -14.26 7.13
CA VAL B 465 -0.24 -13.94 8.56
C VAL B 465 -1.24 -12.80 8.75
N LEU B 466 -1.08 -11.79 7.93
CA LEU B 466 -1.97 -10.64 7.87
C LEU B 466 -1.83 -10.14 6.42
N PRO B 467 -2.77 -9.31 5.98
CA PRO B 467 -2.64 -8.72 4.65
C PRO B 467 -1.47 -7.83 4.73
N GLY B 468 -0.65 -7.86 3.68
CA GLY B 468 0.61 -7.08 3.61
C GLY B 468 1.82 -7.90 4.02
N ASP B 469 2.97 -7.26 4.15
CA ASP B 469 4.22 -7.96 4.41
C ASP B 469 4.87 -7.56 5.74
N LEU B 470 4.06 -7.26 6.76
CA LEU B 470 4.63 -6.97 8.11
C LEU B 470 5.13 -8.22 8.76
N TYR B 471 4.48 -9.33 8.45
CA TYR B 471 4.80 -10.60 9.03
C TYR B 471 4.79 -11.67 7.94
N SER B 472 5.49 -12.77 8.19
CA SER B 472 5.34 -13.96 7.33
C SER B 472 5.54 -15.23 8.12
N TYR B 473 4.91 -16.33 7.71
CA TYR B 473 5.17 -17.64 8.32
C TYR B 473 6.62 -18.08 8.03
N ALA B 474 7.34 -18.48 9.04
CA ALA B 474 8.73 -18.83 8.89
C ALA B 474 9.06 -20.30 9.00
N ASP B 475 8.09 -21.15 8.87
CA ASP B 475 8.34 -22.56 8.85
C ASP B 475 8.17 -23.10 7.43
N ASN B 476 8.12 -24.40 7.31
CA ASN B 476 7.90 -25.00 6.01
C ASN B 476 6.52 -25.66 5.91
N GLN B 477 5.65 -25.35 6.83
CA GLN B 477 4.31 -25.89 6.84
C GLN B 477 3.45 -25.37 5.67
N LYS B 478 2.44 -26.15 5.29
CA LYS B 478 1.62 -25.81 4.16
C LYS B 478 0.23 -26.32 4.40
N PRO B 479 -0.50 -25.60 5.20
CA PRO B 479 -1.84 -26.03 5.53
C PRO B 479 -2.79 -25.91 4.37
N ALA B 480 -3.76 -26.78 4.42
CA ALA B 480 -4.81 -26.84 3.40
C ALA B 480 -6.20 -26.87 4.03
N TYR B 481 -7.20 -26.65 3.17
CA TYR B 481 -8.59 -26.65 3.58
C TYR B 481 -9.48 -27.29 2.54
N GLN B 482 -10.65 -27.71 2.97
CA GLN B 482 -11.63 -28.35 2.09
C GLN B 482 -13.02 -28.04 2.56
N VAL B 483 -13.91 -27.90 1.58
CA VAL B 483 -15.33 -27.71 1.85
C VAL B 483 -16.13 -28.70 1.03
N SER B 484 -17.12 -29.29 1.67
CA SER B 484 -18.11 -30.10 0.96
C SER B 484 -19.54 -29.64 1.31
N VAL B 485 -20.47 -29.80 0.36
CA VAL B 485 -21.90 -29.55 0.58
C VAL B 485 -22.66 -30.87 0.33
N ASN B 486 -23.22 -31.46 1.39
CA ASN B 486 -23.97 -32.74 1.29
C ASN B 486 -23.07 -33.89 0.84
N GLY B 487 -21.86 -33.90 1.35
CA GLY B 487 -20.89 -34.91 1.03
C GLY B 487 -20.16 -34.72 -0.27
N GLN B 488 -20.43 -33.64 -0.99
CA GLN B 488 -19.76 -33.42 -2.25
C GLN B 488 -18.76 -32.24 -2.24
N THR B 489 -17.54 -32.53 -2.62
CA THR B 489 -16.48 -31.57 -2.66
C THR B 489 -16.83 -30.38 -3.46
N VAL B 490 -16.54 -29.22 -2.90
CA VAL B 490 -16.75 -27.97 -3.55
C VAL B 490 -15.39 -27.49 -3.95
N GLU B 491 -15.19 -27.22 -5.23
CA GLU B 491 -13.88 -26.79 -5.67
C GLU B 491 -13.87 -25.42 -6.30
N SER B 492 -14.65 -24.53 -5.72
CA SER B 492 -14.73 -23.13 -6.12
C SER B 492 -13.39 -22.41 -5.87
N ASP B 493 -13.17 -21.32 -6.60
CA ASP B 493 -12.00 -20.46 -6.40
C ASP B 493 -12.30 -19.49 -5.29
N VAL B 494 -11.26 -19.19 -4.50
CA VAL B 494 -11.31 -18.15 -3.48
C VAL B 494 -11.16 -16.79 -4.15
N ASN B 495 -12.15 -15.92 -3.91
CA ASN B 495 -12.20 -14.55 -4.46
C ASN B 495 -12.60 -13.62 -3.29
N ASP B 496 -11.73 -12.63 -3.05
CA ASP B 496 -11.90 -11.70 -1.94
C ASP B 496 -11.91 -12.45 -0.61
N GLY B 497 -11.16 -13.52 -0.52
CA GLY B 497 -11.05 -14.23 0.75
C GLY B 497 -12.18 -15.14 1.10
N TYR B 498 -13.17 -15.26 0.20
CA TYR B 498 -14.32 -16.12 0.39
C TYR B 498 -14.31 -17.29 -0.62
N LEU B 499 -14.74 -18.47 -0.16
CA LEU B 499 -15.15 -19.54 -1.02
C LEU B 499 -16.67 -19.45 -1.10
N SER B 500 -17.20 -19.22 -2.28
CA SER B 500 -18.64 -18.96 -2.48
C SER B 500 -19.48 -20.12 -3.11
N ILE B 501 -20.55 -20.53 -2.45
CA ILE B 501 -21.36 -21.64 -2.90
C ILE B 501 -22.79 -21.17 -3.33
N ALA B 502 -23.06 -21.13 -4.63
CA ALA B 502 -24.31 -20.58 -5.22
C ALA B 502 -25.26 -21.73 -5.58
N ARG B 503 -26.34 -21.90 -4.80
CA ARG B 503 -27.27 -23.02 -4.98
C ARG B 503 -28.61 -22.82 -4.25
N LYS B 504 -29.57 -23.72 -4.50
CA LYS B 504 -30.82 -23.75 -3.76
C LYS B 504 -30.56 -24.41 -2.41
N TRP B 505 -30.64 -23.64 -1.32
CA TRP B 505 -30.47 -24.16 0.05
C TRP B 505 -31.85 -24.54 0.65
N LYS B 506 -31.93 -25.72 1.28
CA LYS B 506 -33.17 -26.30 1.78
C LYS B 506 -32.90 -26.87 3.18
N LYS B 507 -33.91 -26.84 4.04
CA LYS B 507 -33.92 -27.62 5.28
C LYS B 507 -33.26 -29.02 5.07
N GLY B 508 -32.24 -29.32 5.90
CA GLY B 508 -31.50 -30.59 5.87
C GLY B 508 -30.11 -30.51 5.22
N ASP B 509 -29.90 -29.52 4.37
CA ASP B 509 -28.55 -29.28 3.79
C ASP B 509 -27.46 -29.11 4.85
N VAL B 510 -26.28 -29.66 4.55
CA VAL B 510 -25.12 -29.65 5.45
C VAL B 510 -23.88 -29.30 4.66
N VAL B 511 -23.12 -28.34 5.19
CA VAL B 511 -21.82 -27.93 4.66
C VAL B 511 -20.75 -28.39 5.65
N GLU B 512 -19.68 -29.00 5.17
CA GLU B 512 -18.57 -29.39 6.07
C GLU B 512 -17.36 -28.59 5.68
N VAL B 513 -16.69 -27.93 6.63
CA VAL B 513 -15.45 -27.19 6.37
C VAL B 513 -14.34 -27.78 7.25
N HIS B 514 -13.19 -28.06 6.66
CA HIS B 514 -12.01 -28.41 7.42
C HIS B 514 -10.89 -27.39 7.13
N PHE B 515 -10.41 -26.72 8.19
CA PHE B 515 -9.17 -25.97 8.16
C PHE B 515 -8.11 -26.75 8.96
N ASP B 516 -6.98 -27.08 8.35
CA ASP B 516 -5.81 -27.47 9.13
C ASP B 516 -5.42 -26.38 10.14
N MET B 517 -5.23 -26.77 11.41
CA MET B 517 -4.70 -25.90 12.41
C MET B 517 -3.37 -26.44 12.89
N ILE B 518 -2.32 -25.95 12.29
CA ILE B 518 -0.98 -26.35 12.60
C ILE B 518 -0.29 -25.22 13.36
N PRO B 519 0.44 -25.52 14.43
CA PRO B 519 1.32 -24.51 15.06
C PRO B 519 2.31 -23.95 14.10
N ARG B 520 2.41 -22.61 14.02
CA ARG B 520 3.32 -21.94 13.10
C ARG B 520 4.27 -21.05 13.87
N ILE B 521 5.40 -20.78 13.24
CA ILE B 521 6.29 -19.72 13.70
C ILE B 521 6.18 -18.54 12.72
N VAL B 522 6.11 -17.32 13.30
CA VAL B 522 5.98 -16.04 12.56
C VAL B 522 7.25 -15.22 12.76
N LYS B 523 7.79 -14.69 11.66
CA LYS B 523 8.92 -13.75 11.67
C LYS B 523 8.32 -12.41 11.27
N ALA B 524 8.88 -11.34 11.83
CA ALA B 524 8.47 -10.00 11.50
C ALA B 524 9.35 -9.55 10.36
N ASN B 525 8.79 -8.70 9.50
CA ASN B 525 9.59 -7.89 8.59
C ASN B 525 10.91 -7.41 9.24
N PRO B 526 12.02 -7.52 8.52
CA PRO B 526 13.29 -7.18 9.21
C PRO B 526 13.44 -5.73 9.63
N LYS B 527 12.56 -4.86 9.15
CA LYS B 527 12.53 -3.48 9.60
C LYS B 527 12.01 -3.35 11.03
N VAL B 528 11.37 -4.40 11.53
CA VAL B 528 10.89 -4.42 12.93
C VAL B 528 12.04 -4.85 13.83
N GLU B 529 12.71 -3.85 14.39
CA GLU B 529 13.87 -4.05 15.23
C GLU B 529 13.62 -4.85 16.47
N ALA B 530 12.50 -4.63 17.14
CA ALA B 530 12.11 -5.36 18.36
C ALA B 530 12.16 -6.89 18.20
N ASP B 531 11.88 -7.37 16.97
CA ASP B 531 11.65 -8.78 16.71
C ASP B 531 12.82 -9.48 15.96
N HIS B 532 13.98 -8.81 15.89
CA HIS B 532 15.20 -9.43 15.38
C HIS B 532 15.50 -10.69 16.21
N GLY B 533 15.85 -11.73 15.49
CA GLY B 533 16.15 -13.04 16.07
C GLY B 533 15.06 -13.68 16.89
N ARG B 534 13.79 -13.36 16.63
CA ARG B 534 12.66 -13.81 17.43
C ARG B 534 11.52 -14.29 16.54
N VAL B 535 10.68 -15.17 17.06
CA VAL B 535 9.49 -15.64 16.32
C VAL B 535 8.33 -15.73 17.28
N ALA B 536 7.12 -15.57 16.75
CA ALA B 536 5.89 -15.77 17.54
C ALA B 536 5.26 -17.08 17.13
N VAL B 537 4.64 -17.74 18.08
CA VAL B 537 3.88 -18.98 17.77
C VAL B 537 2.39 -18.70 17.71
N GLU B 538 1.76 -19.19 16.65
CA GLU B 538 0.30 -19.25 16.61
C GLU B 538 -0.28 -20.54 16.05
N ARG B 539 -1.58 -20.71 16.29
CA ARG B 539 -2.32 -21.86 15.77
C ARG B 539 -3.72 -21.45 15.53
N GLY B 540 -4.20 -21.62 14.29
CA GLY B 540 -5.53 -21.12 13.96
C GLY B 540 -5.54 -19.60 14.18
N PRO B 541 -6.59 -19.06 14.80
CA PRO B 541 -6.69 -17.63 15.09
C PRO B 541 -5.96 -17.15 16.36
N ILE B 542 -5.36 -18.06 17.13
CA ILE B 542 -4.82 -17.77 18.44
C ILE B 542 -3.32 -17.62 18.44
N VAL B 543 -2.86 -16.49 18.96
CA VAL B 543 -1.40 -16.28 19.17
C VAL B 543 -1.06 -16.79 20.57
N TYR B 544 0.11 -17.36 20.71
CA TYR B 544 0.57 -18.00 21.91
C TYR B 544 1.64 -17.18 22.60
N CYS B 545 1.83 -17.51 23.86
CA CYS B 545 2.95 -16.98 24.62
C CYS B 545 3.53 -18.04 25.58
N ALA B 546 4.65 -17.71 26.20
CA ALA B 546 5.27 -18.49 27.27
C ALA B 546 5.10 -17.68 28.52
N GLU B 547 4.52 -18.32 29.53
CA GLU B 547 4.28 -17.69 30.80
C GLU B 547 4.97 -18.54 31.86
N TRP B 548 5.49 -17.87 32.88
CA TRP B 548 6.20 -18.51 34.01
C TRP B 548 5.54 -19.76 34.70
N PRO B 549 4.22 -19.81 34.90
CA PRO B 549 3.68 -21.02 35.58
C PRO B 549 3.89 -22.35 34.88
N ASP B 550 3.97 -22.36 33.56
CA ASP B 550 4.00 -23.61 32.82
C ASP B 550 5.42 -24.10 32.57
N ASN B 551 6.43 -23.41 33.11
CA ASN B 551 7.80 -23.63 32.67
C ASN B 551 8.75 -23.60 33.85
N ARG B 552 9.64 -24.59 33.94
CA ARG B 552 10.63 -24.74 35.04
C ARG B 552 11.93 -23.95 34.84
N PHE B 553 11.84 -22.80 34.20
CA PHE B 553 13.01 -22.00 33.81
C PHE B 553 12.47 -20.60 33.47
N ASN B 554 13.30 -19.59 33.53
CA ASN B 554 12.86 -18.23 33.29
C ASN B 554 12.51 -18.11 31.76
N VAL B 555 11.26 -17.74 31.46
CA VAL B 555 10.79 -17.61 30.09
C VAL B 555 11.54 -16.59 29.21
N HIS B 556 12.41 -15.79 29.77
CA HIS B 556 13.19 -14.86 28.96
C HIS B 556 14.52 -15.51 28.57
N SER B 557 14.79 -16.69 29.07
CA SER B 557 16.00 -17.43 28.80
C SER B 557 15.89 -18.56 27.81
N ILE B 558 14.77 -18.60 27.14
CA ILE B 558 14.43 -19.56 26.13
C ILE B 558 15.23 -19.39 24.89
N LEU B 559 15.74 -20.47 24.33
CA LEU B 559 16.29 -20.39 23.03
C LEU B 559 15.58 -21.51 22.32
N LEU B 560 14.82 -21.17 21.28
CA LEU B 560 14.12 -22.17 20.53
C LEU B 560 15.08 -22.91 19.63
N ASN B 561 14.65 -24.08 19.19
CA ASN B 561 15.44 -24.86 18.27
C ASN B 561 15.51 -24.19 16.94
N GLN B 562 16.63 -24.28 16.27
CA GLN B 562 16.72 -23.71 14.89
C GLN B 562 15.58 -24.13 13.94
N HIS B 563 15.00 -25.31 14.16
CA HIS B 563 13.81 -25.74 13.41
C HIS B 563 12.85 -26.32 14.40
N PRO B 564 12.06 -25.45 15.05
CA PRO B 564 11.27 -25.97 16.18
C PRO B 564 10.17 -26.92 15.73
N GLN B 565 9.97 -27.97 16.53
CA GLN B 565 8.83 -28.87 16.32
C GLN B 565 7.88 -28.74 17.49
N PHE B 566 6.60 -28.82 17.20
CA PHE B 566 5.55 -28.56 18.18
C PHE B 566 4.62 -29.77 18.33
N LYS B 567 4.11 -29.93 19.53
CA LYS B 567 3.09 -30.92 19.84
C LYS B 567 1.94 -30.06 20.42
N VAL B 568 0.70 -30.35 20.03
CA VAL B 568 -0.52 -29.72 20.63
C VAL B 568 -1.24 -30.69 21.60
N THR B 569 -1.57 -30.25 22.83
CA THR B 569 -2.19 -31.14 23.83
C THR B 569 -3.51 -30.48 24.34
N ASP B 570 -4.61 -31.22 24.37
CA ASP B 570 -5.86 -30.64 24.88
C ASP B 570 -5.86 -30.55 26.43
N LYS B 571 -6.22 -29.39 26.95
CA LYS B 571 -6.27 -29.19 28.39
C LYS B 571 -7.61 -28.65 28.78
N PRO B 572 -8.63 -29.52 28.82
CA PRO B 572 -9.97 -29.00 29.07
C PRO B 572 -10.18 -28.33 30.44
N GLU B 573 -9.31 -28.61 31.42
CA GLU B 573 -9.46 -28.06 32.78
C GLU B 573 -8.47 -26.93 33.10
N LEU B 574 -7.65 -26.54 32.14
CA LEU B 574 -6.67 -25.46 32.37
C LEU B 574 -7.19 -24.10 31.79
N LEU B 575 -7.31 -23.07 32.64
CA LEU B 575 -7.66 -21.71 32.18
C LEU B 575 -8.94 -21.72 31.31
N TYR B 576 -9.97 -22.35 31.87
CA TYR B 576 -11.29 -22.51 31.21
C TYR B 576 -11.31 -23.37 29.94
N GLY B 577 -10.23 -24.08 29.63
CA GLY B 577 -10.19 -25.00 28.48
C GLY B 577 -9.43 -24.42 27.31
N ILE B 578 -8.25 -24.95 27.05
CA ILE B 578 -7.38 -24.41 26.03
C ILE B 578 -6.74 -25.59 25.35
N ARG B 579 -6.02 -25.30 24.27
CA ARG B 579 -5.03 -26.16 23.82
C ARG B 579 -3.68 -25.50 24.17
N GLN B 580 -2.76 -26.36 24.61
CA GLN B 580 -1.40 -26.03 25.02
C GLN B 580 -0.48 -26.42 23.89
N ILE B 581 0.65 -25.75 23.75
CA ILE B 581 1.66 -26.07 22.74
C ILE B 581 3.07 -26.25 23.38
N THR B 582 3.70 -27.36 23.04
CA THR B 582 5.01 -27.68 23.61
C THR B 582 6.04 -27.79 22.52
N THR B 583 7.29 -27.56 22.91
CA THR B 583 8.42 -27.73 22.01
C THR B 583 9.68 -27.90 22.84
N ASP B 584 10.61 -28.69 22.30
CA ASP B 584 11.88 -28.92 22.95
C ASP B 584 12.85 -27.77 22.62
N ALA B 585 13.34 -27.13 23.66
CA ALA B 585 14.05 -25.86 23.55
C ALA B 585 15.20 -25.93 24.53
N GLN B 586 15.92 -24.82 24.65
CA GLN B 586 16.95 -24.69 25.63
C GLN B 586 16.70 -23.45 26.52
N ALA B 587 17.17 -23.58 27.75
CA ALA B 587 17.19 -22.50 28.70
C ALA B 587 18.65 -22.21 28.97
N LEU B 588 18.97 -20.92 28.96
CA LEU B 588 20.32 -20.43 29.11
C LEU B 588 20.49 -19.86 30.47
N SER B 589 21.63 -20.10 31.08
CA SER B 589 21.99 -19.41 32.32
C SER B 589 23.51 -19.31 32.39
N TYR B 590 24.02 -18.52 33.33
CA TYR B 590 25.47 -18.52 33.61
C TYR B 590 25.76 -19.27 34.92
N ASP B 591 26.77 -20.10 34.96
CA ASP B 591 27.02 -20.87 36.25
C ASP B 591 27.92 -20.11 37.24
N LYS B 592 28.10 -20.66 38.47
CA LYS B 592 29.10 -20.22 39.48
C LYS B 592 30.47 -19.99 38.90
N ALA B 593 30.84 -20.82 37.94
CA ALA B 593 32.12 -20.70 37.29
C ALA B 593 32.17 -19.62 36.12
N GLY B 594 31.10 -18.86 35.88
CA GLY B 594 31.09 -17.79 34.86
C GLY B 594 30.91 -18.20 33.41
N LYS B 595 30.49 -19.45 33.23
CA LYS B 595 30.33 -20.06 31.92
C LYS B 595 28.84 -20.17 31.68
N LEU B 596 28.52 -20.15 30.40
CA LEU B 596 27.13 -20.23 29.92
C LEU B 596 26.70 -21.66 29.91
N VAL B 597 25.50 -21.92 30.40
CA VAL B 597 24.95 -23.25 30.48
C VAL B 597 23.72 -23.28 29.61
N THR B 598 23.59 -24.32 28.79
CA THR B 598 22.36 -24.70 28.11
C THR B 598 21.77 -25.95 28.76
N LYS B 599 20.50 -25.86 29.14
CA LYS B 599 19.72 -27.00 29.70
C LYS B 599 18.53 -27.27 28.73
N ASP B 600 18.36 -28.54 28.37
CA ASP B 600 17.26 -28.98 27.51
C ASP B 600 15.97 -28.91 28.30
N VAL B 601 14.92 -28.36 27.71
CA VAL B 601 13.69 -28.12 28.43
C VAL B 601 12.53 -28.32 27.49
N GLU B 602 11.38 -28.61 28.09
CA GLU B 602 10.10 -28.61 27.38
C GLU B 602 9.48 -27.23 27.60
N LEU B 603 9.35 -26.47 26.52
CA LEU B 603 8.71 -25.14 26.59
C LEU B 603 7.25 -25.31 26.40
N THR B 604 6.46 -24.82 27.35
CA THR B 604 5.00 -24.94 27.27
C THR B 604 4.35 -23.54 27.04
N LEU B 605 3.59 -23.43 25.94
CA LEU B 605 2.93 -22.21 25.54
C LEU B 605 1.42 -22.29 25.75
N ILE B 606 0.86 -21.15 26.13
CA ILE B 606 -0.59 -20.93 26.28
C ILE B 606 -1.11 -19.81 25.38
N PRO B 607 -2.42 -19.78 25.12
CA PRO B 607 -2.98 -18.62 24.40
C PRO B 607 -2.62 -17.30 25.09
N TYR B 608 -2.16 -16.34 24.28
CA TYR B 608 -1.93 -14.96 24.77
C TYR B 608 -3.05 -14.47 25.68
N TYR B 609 -4.33 -14.69 25.31
CA TYR B 609 -5.42 -14.08 26.06
C TYR B 609 -5.47 -14.62 27.48
N ALA B 610 -4.91 -15.80 27.68
CA ALA B 610 -5.01 -16.51 28.93
C ALA B 610 -3.85 -16.22 29.91
N TRP B 611 -2.95 -15.34 29.53
CA TRP B 611 -1.86 -14.95 30.40
C TRP B 611 -2.42 -14.11 31.52
N ALA B 612 -1.60 -13.95 32.57
CA ALA B 612 -1.90 -13.11 33.75
C ALA B 612 -3.14 -13.57 34.58
N HIS B 613 -3.56 -14.82 34.43
CA HIS B 613 -4.64 -15.38 35.28
C HIS B 613 -4.15 -15.98 36.59
N ARG B 614 -2.85 -16.24 36.72
CA ARG B 614 -2.33 -17.06 37.79
C ARG B 614 -1.29 -16.36 38.66
N GLY B 615 -1.19 -15.03 38.58
CA GLY B 615 -0.21 -14.30 39.37
C GLY B 615 0.86 -13.64 38.50
N GLU B 616 1.40 -12.58 39.05
CA GLU B 616 2.38 -11.74 38.38
C GLU B 616 3.68 -12.50 38.13
N GLY B 617 4.31 -12.19 37.00
CA GLY B 617 5.58 -12.79 36.60
C GLY B 617 5.82 -12.67 35.10
N ASP B 618 6.84 -13.37 34.67
CA ASP B 618 7.40 -13.20 33.37
C ASP B 618 6.54 -13.86 32.33
N MET B 619 6.46 -13.24 31.18
CA MET B 619 5.79 -13.73 29.96
C MET B 619 6.52 -13.20 28.71
N GLU B 620 6.43 -13.94 27.62
CA GLU B 620 6.97 -13.48 26.35
C GLU B 620 6.12 -14.01 25.25
N VAL B 621 5.87 -13.17 24.25
CA VAL B 621 5.25 -13.60 22.98
C VAL B 621 6.32 -13.90 21.95
N TRP B 622 7.20 -12.92 21.77
CA TRP B 622 8.30 -12.98 20.76
C TRP B 622 9.49 -13.77 21.31
N LEU B 623 9.67 -15.00 20.83
CA LEU B 623 10.63 -15.98 21.45
C LEU B 623 11.98 -16.01 20.73
N PRO B 624 13.07 -15.98 21.49
CA PRO B 624 14.33 -16.02 20.80
C PRO B 624 14.57 -17.31 20.06
N ILE B 625 15.03 -17.17 18.81
CA ILE B 625 15.51 -18.25 17.95
C ILE B 625 16.95 -18.06 17.47
N ASP B 626 17.64 -17.07 18.01
CA ASP B 626 19.04 -16.92 17.75
C ASP B 626 19.65 -16.41 19.06
N VAL B 627 20.93 -16.75 19.30
CA VAL B 627 21.62 -16.31 20.52
C VAL B 627 21.59 -14.80 20.69
N SER B 628 21.64 -14.04 19.59
CA SER B 628 21.65 -12.57 19.70
C SER B 628 20.43 -11.99 20.42
N ALA B 629 19.30 -12.71 20.38
CA ALA B 629 18.05 -12.26 21.04
C ALA B 629 17.83 -12.84 22.44
N THR B 630 18.76 -13.65 22.90
CA THR B 630 18.63 -14.29 24.19
C THR B 630 19.11 -13.47 25.35
N SER B 631 18.64 -13.89 26.51
CA SER B 631 18.97 -13.31 27.77
C SER B 631 19.32 -14.41 28.82
N ALA B 632 20.51 -14.40 29.38
CA ALA B 632 20.87 -15.40 30.37
C ALA B 632 21.05 -14.80 31.74
N GLN B 633 20.52 -15.43 32.76
CA GLN B 633 20.77 -14.93 34.12
C GLN B 633 21.68 -15.88 34.88
N PRO B 634 22.23 -15.41 35.99
CA PRO B 634 23.12 -16.21 36.81
C PRO B 634 22.40 -17.36 37.49
#